data_6V6T
#
_entry.id   6V6T
#
_entity_poly.entity_id   1
_entity_poly.type   'polypeptide(L)'
_entity_poly.pdbx_seq_one_letter_code
;SECRYLFGGCKTTADCCKHLGCRTDLYYCAWDGTF
;
_entity_poly.pdbx_strand_id   A
#
# COMPACT_ATOMS: atom_id res chain seq x y z
N SER A 1 -2.20 12.73 3.89
CA SER A 1 -1.68 11.39 3.69
C SER A 1 -0.30 11.42 3.05
N GLU A 2 0.61 10.61 3.58
CA GLU A 2 1.98 10.56 3.08
C GLU A 2 2.23 9.23 2.35
N CYS A 3 1.15 8.59 1.91
CA CYS A 3 1.26 7.32 1.21
C CYS A 3 0.55 7.37 -0.13
N ARG A 4 0.85 6.43 -1.00
CA ARG A 4 0.24 6.37 -2.32
C ARG A 4 -1.15 5.74 -2.25
N TYR A 5 -2.14 6.44 -2.81
CA TYR A 5 -3.52 5.95 -2.80
C TYR A 5 -3.62 4.60 -3.50
N LEU A 6 -4.78 3.97 -3.39
CA LEU A 6 -5.01 2.67 -4.00
C LEU A 6 -4.45 2.62 -5.42
N PHE A 7 -3.78 1.51 -5.75
CA PHE A 7 -3.19 1.35 -7.07
C PHE A 7 -2.16 2.44 -7.35
N GLY A 8 -1.33 2.74 -6.34
CA GLY A 8 -0.32 3.77 -6.50
C GLY A 8 0.95 3.24 -7.13
N GLY A 9 0.93 1.96 -7.52
CA GLY A 9 2.08 1.35 -8.14
C GLY A 9 3.26 1.25 -7.19
N CYS A 10 3.01 0.70 -6.01
CA CYS A 10 4.06 0.54 -5.01
C CYS A 10 4.86 -0.74 -5.24
N LYS A 11 5.87 -0.97 -4.41
CA LYS A 11 6.70 -2.15 -4.53
C LYS A 11 6.84 -2.86 -3.18
N THR A 12 6.94 -2.07 -2.11
CA THR A 12 7.07 -2.62 -0.77
C THR A 12 6.12 -1.94 0.20
N THR A 13 5.89 -2.57 1.35
CA THR A 13 5.00 -2.02 2.36
C THR A 13 5.45 -0.64 2.81
N ALA A 14 6.77 -0.43 2.83
CA ALA A 14 7.33 0.86 3.23
C ALA A 14 6.89 1.97 2.27
N ASP A 15 6.57 1.59 1.05
CA ASP A 15 6.13 2.56 0.04
C ASP A 15 4.78 3.16 0.42
N CYS A 16 3.98 2.39 1.14
CA CYS A 16 2.66 2.84 1.57
C CYS A 16 2.61 3.04 3.09
N CYS A 17 1.51 3.58 3.57
CA CYS A 17 1.33 3.82 5.00
C CYS A 17 0.62 2.64 5.67
N LYS A 18 0.56 2.68 6.99
CA LYS A 18 -0.09 1.62 7.75
C LYS A 18 -1.49 1.34 7.21
N HIS A 19 -2.24 2.42 6.93
CA HIS A 19 -3.59 2.29 6.40
C HIS A 19 -3.63 1.40 5.17
N LEU A 20 -2.53 1.41 4.42
CA LEU A 20 -2.43 0.60 3.21
C LEU A 20 -1.53 -0.61 3.44
N GLY A 21 -1.54 -1.55 2.48
CA GLY A 21 -0.72 -2.74 2.61
C GLY A 21 -0.15 -3.17 1.27
N CYS A 22 0.99 -2.62 0.90
CA CYS A 22 1.65 -2.97 -0.35
C CYS A 22 1.76 -4.49 -0.51
N ARG A 23 1.10 -5.01 -1.53
CA ARG A 23 1.13 -6.45 -1.80
C ARG A 23 2.37 -6.83 -2.59
N THR A 24 2.91 -8.02 -2.32
CA THR A 24 4.09 -8.49 -3.00
C THR A 24 3.73 -9.14 -4.35
N ASP A 25 2.49 -9.60 -4.45
CA ASP A 25 2.01 -10.24 -5.67
C ASP A 25 1.30 -9.23 -6.56
N LEU A 26 0.55 -8.32 -5.94
CA LEU A 26 -0.19 -7.30 -6.69
C LEU A 26 0.67 -6.05 -6.89
N TYR A 27 1.50 -5.75 -5.91
CA TYR A 27 2.38 -4.59 -5.99
C TYR A 27 1.57 -3.30 -6.04
N TYR A 28 0.70 -3.11 -5.05
CA TYR A 28 -0.15 -1.92 -5.00
C TYR A 28 -0.65 -1.68 -3.58
N CYS A 29 -0.78 -0.41 -3.21
CA CYS A 29 -1.24 -0.04 -1.88
C CYS A 29 -2.71 -0.43 -1.69
N ALA A 30 -2.95 -1.35 -0.75
CA ALA A 30 -4.30 -1.81 -0.48
C ALA A 30 -4.89 -1.10 0.74
N TRP A 31 -5.75 -0.11 0.48
CA TRP A 31 -6.37 0.64 1.56
C TRP A 31 -7.30 -0.24 2.38
N ASP A 32 -6.91 -0.51 3.62
CA ASP A 32 -7.71 -1.34 4.51
C ASP A 32 -7.53 -0.91 5.96
N GLY A 33 -6.28 -0.89 6.42
CA GLY A 33 -6.01 -0.50 7.79
C GLY A 33 -5.96 -1.68 8.74
N THR A 34 -6.61 -2.78 8.34
CA THR A 34 -6.64 -3.98 9.17
C THR A 34 -6.27 -5.21 8.36
N PHE A 35 -5.19 -5.87 8.75
CA PHE A 35 -4.72 -7.07 8.06
C PHE A 35 -4.59 -8.24 9.02
N SER A 1 -1.94 9.97 4.31
CA SER A 1 -1.65 11.27 3.72
C SER A 1 -0.26 11.27 3.07
N GLU A 2 0.69 10.59 3.71
CA GLU A 2 2.05 10.51 3.19
C GLU A 2 2.28 9.20 2.45
N CYS A 3 1.19 8.57 2.00
CA CYS A 3 1.27 7.32 1.28
C CYS A 3 0.53 7.41 -0.05
N ARG A 4 0.79 6.43 -0.93
CA ARG A 4 0.15 6.41 -2.24
C ARG A 4 -1.25 5.83 -2.15
N TYR A 5 -2.20 6.44 -2.85
CA TYR A 5 -3.58 5.99 -2.85
C TYR A 5 -3.71 4.62 -3.52
N LEU A 6 -4.89 4.02 -3.41
CA LEU A 6 -5.14 2.72 -4.01
C LEU A 6 -4.55 2.64 -5.41
N PHE A 7 -3.84 1.55 -5.69
CA PHE A 7 -3.22 1.35 -7.00
C PHE A 7 -2.23 2.47 -7.31
N GLY A 8 -1.33 2.72 -6.37
CA GLY A 8 -0.34 3.76 -6.55
C GLY A 8 0.92 3.24 -7.21
N GLY A 9 0.96 1.95 -7.49
CA GLY A 9 2.12 1.35 -8.12
C GLY A 9 3.30 1.25 -7.18
N CYS A 10 3.06 0.70 -5.99
CA CYS A 10 4.12 0.54 -5.00
C CYS A 10 4.91 -0.75 -5.24
N LYS A 11 5.94 -0.96 -4.41
CA LYS A 11 6.77 -2.15 -4.53
C LYS A 11 6.88 -2.87 -3.19
N THR A 12 6.92 -2.10 -2.11
CA THR A 12 7.03 -2.66 -0.76
C THR A 12 6.08 -1.97 0.20
N THR A 13 5.86 -2.60 1.35
CA THR A 13 4.95 -2.05 2.36
C THR A 13 5.42 -0.67 2.81
N ALA A 14 6.74 -0.47 2.84
CA ALA A 14 7.31 0.80 3.26
C ALA A 14 6.88 1.93 2.31
N ASP A 15 6.56 1.57 1.07
CA ASP A 15 6.13 2.55 0.08
C ASP A 15 4.78 3.15 0.46
N CYS A 16 3.98 2.39 1.18
CA CYS A 16 2.66 2.84 1.61
C CYS A 16 2.61 3.02 3.12
N CYS A 17 1.51 3.57 3.62
CA CYS A 17 1.33 3.79 5.04
C CYS A 17 0.60 2.62 5.70
N LYS A 18 0.52 2.64 7.02
CA LYS A 18 -0.16 1.58 7.76
C LYS A 18 -1.55 1.33 7.20
N HIS A 19 -2.26 2.41 6.90
CA HIS A 19 -3.61 2.31 6.36
C HIS A 19 -3.64 1.40 5.13
N LEU A 20 -2.54 1.40 4.38
CA LEU A 20 -2.44 0.57 3.19
C LEU A 20 -1.52 -0.62 3.43
N GLY A 21 -1.53 -1.57 2.48
CA GLY A 21 -0.69 -2.74 2.61
C GLY A 21 -0.14 -3.20 1.28
N CYS A 22 1.00 -2.65 0.89
CA CYS A 22 1.64 -2.99 -0.37
C CYS A 22 1.76 -4.51 -0.52
N ARG A 23 1.10 -5.06 -1.53
CA ARG A 23 1.12 -6.49 -1.78
C ARG A 23 2.36 -6.88 -2.58
N THR A 24 2.89 -8.06 -2.30
CA THR A 24 4.08 -8.56 -2.98
C THR A 24 3.71 -9.20 -4.32
N ASP A 25 2.47 -9.65 -4.43
CA ASP A 25 1.99 -10.29 -5.65
C ASP A 25 1.29 -9.27 -6.55
N LEU A 26 0.55 -8.35 -5.93
CA LEU A 26 -0.17 -7.32 -6.67
C LEU A 26 0.69 -6.08 -6.88
N TYR A 27 1.53 -5.79 -5.89
CA TYR A 27 2.40 -4.62 -5.96
C TYR A 27 1.60 -3.33 -6.03
N TYR A 28 0.72 -3.14 -5.05
CA TYR A 28 -0.11 -1.94 -5.00
C TYR A 28 -0.62 -1.69 -3.59
N CYS A 29 -0.75 -0.42 -3.23
CA CYS A 29 -1.23 -0.04 -1.91
C CYS A 29 -2.70 -0.40 -1.73
N ALA A 30 -2.97 -1.32 -0.81
CA ALA A 30 -4.34 -1.76 -0.53
C ALA A 30 -4.91 -1.05 0.68
N TRP A 31 -5.74 -0.05 0.44
CA TRP A 31 -6.36 0.72 1.54
C TRP A 31 -7.30 -0.16 2.35
N ASP A 32 -6.89 -0.48 3.58
CA ASP A 32 -7.70 -1.31 4.46
C ASP A 32 -7.55 -0.88 5.91
N GLY A 33 -6.29 -0.85 6.39
CA GLY A 33 -6.04 -0.45 7.76
C GLY A 33 -5.90 -1.64 8.68
N THR A 34 -6.50 -2.76 8.30
CA THR A 34 -6.45 -3.98 9.11
C THR A 34 -5.94 -5.16 8.30
N PHE A 35 -5.18 -6.04 8.95
CA PHE A 35 -4.64 -7.21 8.28
C PHE A 35 -5.01 -8.49 9.04
N SER A 1 -1.92 12.58 4.38
CA SER A 1 -1.60 11.28 3.81
C SER A 1 -0.23 11.30 3.14
N GLU A 2 0.72 10.57 3.72
CA GLU A 2 2.07 10.51 3.18
C GLU A 2 2.30 9.20 2.43
N CYS A 3 1.20 8.57 2.00
CA CYS A 3 1.29 7.31 1.28
C CYS A 3 0.54 7.40 -0.05
N ARG A 4 0.79 6.43 -0.93
CA ARG A 4 0.15 6.41 -2.24
C ARG A 4 -1.26 5.83 -2.14
N TYR A 5 -2.20 6.44 -2.85
CA TYR A 5 -3.59 5.99 -2.84
C TYR A 5 -3.71 4.62 -3.52
N LEU A 6 -4.89 4.03 -3.40
CA LEU A 6 -5.15 2.72 -4.00
C LEU A 6 -4.56 2.63 -5.41
N PHE A 7 -3.86 1.55 -5.69
CA PHE A 7 -3.24 1.35 -7.00
C PHE A 7 -2.25 2.47 -7.31
N GLY A 8 -1.34 2.71 -6.37
CA GLY A 8 -0.34 3.76 -6.56
C GLY A 8 0.92 3.24 -7.22
N GLY A 9 0.94 1.94 -7.50
CA GLY A 9 2.11 1.35 -8.13
C GLY A 9 3.29 1.23 -7.19
N CYS A 10 3.05 0.68 -6.00
CA CYS A 10 4.10 0.53 -5.01
C CYS A 10 4.89 -0.75 -5.25
N LYS A 11 5.91 -0.99 -4.41
CA LYS A 11 6.74 -2.17 -4.53
C LYS A 11 6.86 -2.88 -3.19
N THR A 12 6.95 -2.10 -2.11
CA THR A 12 7.07 -2.65 -0.77
C THR A 12 6.12 -1.97 0.20
N THR A 13 5.89 -2.60 1.35
CA THR A 13 4.99 -2.04 2.36
C THR A 13 5.45 -0.67 2.80
N ALA A 14 6.77 -0.45 2.82
CA ALA A 14 7.33 0.82 3.23
C ALA A 14 6.89 1.94 2.28
N ASP A 15 6.57 1.57 1.05
CA ASP A 15 6.13 2.55 0.05
C ASP A 15 4.78 3.15 0.44
N CYS A 16 3.98 2.38 1.17
CA CYS A 16 2.67 2.83 1.60
C CYS A 16 2.62 3.02 3.12
N CYS A 17 1.51 3.56 3.61
CA CYS A 17 1.35 3.78 5.04
C CYS A 17 0.62 2.61 5.69
N LYS A 18 0.54 2.63 7.02
CA LYS A 18 -0.13 1.58 7.77
C LYS A 18 -1.53 1.32 7.21
N HIS A 19 -2.25 2.40 6.91
CA HIS A 19 -3.59 2.29 6.37
C HIS A 19 -3.63 1.39 5.15
N LEU A 20 -2.53 1.39 4.39
CA LEU A 20 -2.42 0.56 3.20
C LEU A 20 -1.51 -0.64 3.43
N GLY A 21 -1.52 -1.57 2.49
CA GLY A 21 -0.68 -2.75 2.61
C GLY A 21 -0.12 -3.20 1.27
N CYS A 22 1.02 -2.64 0.89
CA CYS A 22 1.66 -2.99 -0.37
C CYS A 22 1.78 -4.51 -0.52
N ARG A 23 1.11 -5.05 -1.53
CA ARG A 23 1.14 -6.49 -1.79
C ARG A 23 2.38 -6.87 -2.58
N THR A 24 2.92 -8.06 -2.30
CA THR A 24 4.11 -8.55 -2.99
C THR A 24 3.74 -9.18 -4.33
N ASP A 25 2.50 -9.64 -4.44
CA ASP A 25 2.03 -10.27 -5.67
C ASP A 25 1.31 -9.26 -6.56
N LEU A 26 0.57 -8.35 -5.94
CA LEU A 26 -0.15 -7.32 -6.68
C LEU A 26 0.70 -6.09 -6.88
N TYR A 27 1.54 -5.77 -5.89
CA TYR A 27 2.42 -4.61 -5.96
C TYR A 27 1.60 -3.32 -6.03
N TYR A 28 0.72 -3.13 -5.06
CA TYR A 28 -0.11 -1.93 -5.01
C TYR A 28 -0.62 -1.69 -3.59
N CYS A 29 -0.75 -0.42 -3.23
CA CYS A 29 -1.22 -0.03 -1.90
C CYS A 29 -2.69 -0.40 -1.73
N ALA A 30 -2.96 -1.31 -0.81
CA ALA A 30 -4.32 -1.76 -0.54
C ALA A 30 -4.90 -1.05 0.69
N TRP A 31 -5.74 -0.04 0.45
CA TRP A 31 -6.35 0.71 1.54
C TRP A 31 -7.29 -0.17 2.35
N ASP A 32 -6.89 -0.48 3.58
CA ASP A 32 -7.70 -1.31 4.46
C ASP A 32 -7.55 -0.87 5.91
N GLY A 33 -6.31 -0.84 6.39
CA GLY A 33 -6.06 -0.44 7.76
C GLY A 33 -6.00 -1.62 8.72
N THR A 34 -6.63 -2.72 8.32
CA THR A 34 -6.65 -3.92 9.15
C THR A 34 -6.07 -5.11 8.39
N PHE A 35 -5.22 -5.88 9.08
CA PHE A 35 -4.60 -7.05 8.47
C PHE A 35 -4.86 -8.30 9.31
N SER A 1 -0.38 10.77 6.58
CA SER A 1 0.70 10.22 5.77
C SER A 1 0.48 10.56 4.30
N GLU A 2 1.58 10.67 3.55
CA GLU A 2 1.51 10.98 2.13
C GLU A 2 1.62 9.72 1.29
N CYS A 3 1.30 8.58 1.90
CA CYS A 3 1.35 7.29 1.20
C CYS A 3 0.61 7.36 -0.13
N ARG A 4 0.93 6.44 -1.03
CA ARG A 4 0.28 6.40 -2.34
C ARG A 4 -1.11 5.78 -2.24
N TYR A 5 -2.10 6.47 -2.81
CA TYR A 5 -3.47 5.98 -2.78
C TYR A 5 -3.59 4.63 -3.47
N LEU A 6 -4.77 4.02 -3.35
CA LEU A 6 -5.01 2.72 -3.96
C LEU A 6 -4.44 2.66 -5.38
N PHE A 7 -3.78 1.56 -5.70
CA PHE A 7 -3.19 1.37 -7.02
C PHE A 7 -2.16 2.47 -7.31
N GLY A 8 -1.32 2.75 -6.32
CA GLY A 8 -0.30 3.77 -6.48
C GLY A 8 0.97 3.23 -7.09
N GLY A 9 0.93 1.98 -7.54
CA GLY A 9 2.09 1.36 -8.14
C GLY A 9 3.25 1.24 -7.18
N CYS A 10 3.00 0.69 -6.00
CA CYS A 10 4.03 0.53 -4.98
C CYS A 10 4.84 -0.74 -5.22
N LYS A 11 5.82 -0.98 -4.37
CA LYS A 11 6.66 -2.17 -4.48
C LYS A 11 6.80 -2.87 -3.14
N THR A 12 6.91 -2.08 -2.07
CA THR A 12 7.04 -2.62 -0.72
C THR A 12 6.11 -1.91 0.26
N THR A 13 5.82 -2.57 1.37
CA THR A 13 4.93 -2.00 2.38
C THR A 13 5.41 -0.62 2.81
N ALA A 14 6.72 -0.43 2.83
CA ALA A 14 7.31 0.85 3.22
C ALA A 14 6.87 1.96 2.26
N ASP A 15 6.56 1.59 1.03
CA ASP A 15 6.12 2.55 0.03
C ASP A 15 4.77 3.16 0.40
N CYS A 16 3.97 2.39 1.13
CA CYS A 16 2.65 2.85 1.54
C CYS A 16 2.59 3.04 3.07
N CYS A 17 1.48 3.59 3.55
CA CYS A 17 1.31 3.83 4.98
C CYS A 17 0.58 2.66 5.63
N LYS A 18 0.50 2.69 6.96
CA LYS A 18 -0.17 1.64 7.72
C LYS A 18 -1.57 1.39 7.17
N HIS A 19 -2.29 2.46 6.88
CA HIS A 19 -3.64 2.36 6.34
C HIS A 19 -3.67 1.46 5.11
N LEU A 20 -2.58 1.45 4.36
CA LEU A 20 -2.49 0.64 3.16
C LEU A 20 -1.61 -0.59 3.40
N GLY A 21 -1.63 -1.51 2.44
CA GLY A 21 -0.83 -2.72 2.57
C GLY A 21 -0.23 -3.17 1.26
N CYS A 22 0.92 -2.61 0.90
CA CYS A 22 1.58 -2.96 -0.35
C CYS A 22 1.71 -4.47 -0.50
N ARG A 23 1.06 -5.01 -1.54
CA ARG A 23 1.09 -6.45 -1.79
C ARG A 23 2.33 -6.83 -2.58
N THR A 24 2.88 -8.00 -2.28
CA THR A 24 4.07 -8.49 -2.97
C THR A 24 3.72 -9.14 -4.29
N ASP A 25 2.48 -9.60 -4.42
CA ASP A 25 2.02 -10.25 -5.64
C ASP A 25 1.31 -9.24 -6.54
N LEU A 26 0.55 -8.34 -5.94
CA LEU A 26 -0.18 -7.32 -6.68
C LEU A 26 0.67 -6.07 -6.89
N TYR A 27 1.50 -5.76 -5.90
CA TYR A 27 2.37 -4.59 -5.98
C TYR A 27 1.55 -3.31 -6.04
N TYR A 28 0.67 -3.12 -5.06
CA TYR A 28 -0.16 -1.94 -5.01
C TYR A 28 -0.68 -1.68 -3.59
N CYS A 29 -0.77 -0.41 -3.21
CA CYS A 29 -1.24 -0.04 -1.88
C CYS A 29 -2.69 -0.46 -1.68
N ALA A 30 -2.91 -1.38 -0.75
CA ALA A 30 -4.25 -1.87 -0.45
C ALA A 30 -4.85 -1.15 0.75
N TRP A 31 -5.72 -0.18 0.48
CA TRP A 31 -6.36 0.58 1.55
C TRP A 31 -7.29 -0.30 2.38
N ASP A 32 -6.91 -0.53 3.63
CA ASP A 32 -7.70 -1.36 4.52
C ASP A 32 -7.49 -0.95 5.97
N GLY A 33 -6.23 -0.89 6.39
CA GLY A 33 -5.92 -0.51 7.74
C GLY A 33 -5.77 -1.70 8.67
N THR A 34 -6.38 -2.83 8.28
CA THR A 34 -6.31 -4.04 9.08
C THR A 34 -6.08 -5.26 8.19
N PHE A 35 -4.98 -5.95 8.42
CA PHE A 35 -4.65 -7.14 7.64
C PHE A 35 -3.39 -7.81 8.19
N SER A 1 -1.84 12.47 4.43
CA SER A 1 -1.62 11.22 3.71
C SER A 1 -0.23 11.22 3.05
N GLU A 2 0.72 10.56 3.71
CA GLU A 2 2.08 10.49 3.19
C GLU A 2 2.31 9.17 2.45
N CYS A 3 1.22 8.56 2.00
CA CYS A 3 1.29 7.29 1.28
C CYS A 3 0.56 7.39 -0.06
N ARG A 4 0.83 6.43 -0.93
CA ARG A 4 0.19 6.40 -2.25
C ARG A 4 -1.22 5.83 -2.16
N TYR A 5 -2.15 6.47 -2.86
CA TYR A 5 -3.55 6.03 -2.85
C TYR A 5 -3.68 4.66 -3.52
N LEU A 6 -4.87 4.07 -3.42
CA LEU A 6 -5.13 2.77 -4.02
C LEU A 6 -4.54 2.68 -5.42
N PHE A 7 -3.84 1.58 -5.70
CA PHE A 7 -3.22 1.38 -7.00
C PHE A 7 -2.22 2.50 -7.31
N GLY A 8 -1.31 2.74 -6.37
CA GLY A 8 -0.31 3.77 -6.56
C GLY A 8 0.96 3.25 -7.21
N GLY A 9 0.97 1.95 -7.51
CA GLY A 9 2.13 1.35 -8.13
C GLY A 9 3.31 1.24 -7.18
N CYS A 10 3.06 0.68 -5.99
CA CYS A 10 4.11 0.52 -4.99
C CYS A 10 4.89 -0.77 -5.23
N LYS A 11 5.89 -1.01 -4.39
CA LYS A 11 6.72 -2.20 -4.50
C LYS A 11 6.84 -2.91 -3.15
N THR A 12 6.93 -2.12 -2.09
CA THR A 12 7.05 -2.68 -0.74
C THR A 12 6.09 -1.99 0.23
N THR A 13 5.86 -2.62 1.37
CA THR A 13 4.97 -2.07 2.38
C THR A 13 5.42 -0.69 2.83
N ALA A 14 6.73 -0.49 2.85
CA ALA A 14 7.30 0.79 3.26
C ALA A 14 6.87 1.91 2.32
N ASP A 15 6.55 1.55 1.08
CA ASP A 15 6.12 2.52 0.09
C ASP A 15 4.77 3.13 0.46
N CYS A 16 3.96 2.36 1.18
CA CYS A 16 2.65 2.82 1.61
C CYS A 16 2.60 2.99 3.12
N CYS A 17 1.49 3.55 3.61
CA CYS A 17 1.32 3.77 5.04
C CYS A 17 0.59 2.59 5.70
N LYS A 18 0.50 2.62 7.02
CA LYS A 18 -0.17 1.57 7.77
C LYS A 18 -1.57 1.31 7.21
N HIS A 19 -2.29 2.39 6.92
CA HIS A 19 -3.64 2.28 6.37
C HIS A 19 -3.66 1.38 5.14
N LEU A 20 -2.57 1.39 4.39
CA LEU A 20 -2.45 0.57 3.19
C LEU A 20 -1.55 -0.63 3.42
N GLY A 21 -1.55 -1.56 2.48
CA GLY A 21 -0.73 -2.75 2.59
C GLY A 21 -0.16 -3.20 1.26
N CYS A 22 0.99 -2.65 0.90
CA CYS A 22 1.64 -3.00 -0.37
C CYS A 22 1.74 -4.51 -0.53
N ARG A 23 1.07 -5.04 -1.55
CA ARG A 23 1.09 -6.47 -1.80
C ARG A 23 2.34 -6.87 -2.59
N THR A 24 2.87 -8.05 -2.31
CA THR A 24 4.06 -8.54 -2.99
C THR A 24 3.70 -9.18 -4.32
N ASP A 25 2.46 -9.63 -4.45
CA ASP A 25 1.98 -10.26 -5.68
C ASP A 25 1.30 -9.25 -6.57
N LEU A 26 0.54 -8.34 -5.96
CA LEU A 26 -0.17 -7.31 -6.71
C LEU A 26 0.68 -6.07 -6.91
N TYR A 27 1.52 -5.78 -5.92
CA TYR A 27 2.41 -4.61 -5.98
C TYR A 27 1.60 -3.32 -6.05
N TYR A 28 0.72 -3.12 -5.07
CA TYR A 28 -0.11 -1.94 -5.02
C TYR A 28 -0.63 -1.68 -3.60
N CYS A 29 -0.76 -0.41 -3.25
CA CYS A 29 -1.24 -0.04 -1.92
C CYS A 29 -2.71 -0.41 -1.75
N ALA A 30 -2.97 -1.33 -0.83
CA ALA A 30 -4.34 -1.76 -0.56
C ALA A 30 -4.92 -1.05 0.66
N TRP A 31 -5.77 -0.06 0.41
CA TRP A 31 -6.40 0.70 1.48
C TRP A 31 -7.34 -0.17 2.28
N ASP A 32 -6.96 -0.48 3.52
CA ASP A 32 -7.79 -1.30 4.40
C ASP A 32 -7.65 -0.86 5.85
N GLY A 33 -6.42 -0.82 6.34
CA GLY A 33 -6.17 -0.42 7.70
C GLY A 33 -6.30 -1.58 8.68
N THR A 34 -6.11 -2.79 8.18
CA THR A 34 -6.21 -3.99 9.01
C THR A 34 -5.02 -4.92 8.78
N PHE A 35 -4.19 -5.06 9.80
CA PHE A 35 -3.01 -5.92 9.71
C PHE A 35 -2.69 -6.55 11.06
N SER A 1 1.80 11.10 6.36
CA SER A 1 0.64 10.40 5.81
C SER A 1 0.44 10.76 4.34
N GLU A 2 1.52 10.69 3.56
CA GLU A 2 1.46 11.01 2.14
C GLU A 2 1.58 9.74 1.30
N CYS A 3 1.27 8.61 1.90
CA CYS A 3 1.33 7.32 1.21
C CYS A 3 0.60 7.38 -0.12
N ARG A 4 0.92 6.45 -1.01
CA ARG A 4 0.28 6.40 -2.33
C ARG A 4 -1.12 5.79 -2.23
N TYR A 5 -2.10 6.47 -2.82
CA TYR A 5 -3.48 6.00 -2.80
C TYR A 5 -3.61 4.64 -3.48
N LEU A 6 -4.77 4.04 -3.35
CA LEU A 6 -5.03 2.73 -3.95
C LEU A 6 -4.47 2.66 -5.37
N PHE A 7 -3.79 1.56 -5.67
CA PHE A 7 -3.19 1.38 -7.00
C PHE A 7 -2.18 2.47 -7.30
N GLY A 8 -1.32 2.75 -6.32
CA GLY A 8 -0.30 3.78 -6.50
C GLY A 8 0.96 3.24 -7.13
N GLY A 9 0.93 1.97 -7.53
CA GLY A 9 2.09 1.36 -8.14
C GLY A 9 3.27 1.25 -7.19
N CYS A 10 3.02 0.70 -6.01
CA CYS A 10 4.06 0.54 -5.00
C CYS A 10 4.86 -0.74 -5.24
N LYS A 11 5.86 -0.97 -4.39
CA LYS A 11 6.71 -2.14 -4.51
C LYS A 11 6.82 -2.85 -3.16
N THR A 12 6.92 -2.07 -2.10
CA THR A 12 7.04 -2.62 -0.75
C THR A 12 6.08 -1.93 0.22
N THR A 13 5.85 -2.57 1.36
CA THR A 13 4.96 -2.02 2.37
C THR A 13 5.41 -0.63 2.81
N ALA A 14 6.73 -0.43 2.84
CA ALA A 14 7.29 0.85 3.24
C ALA A 14 6.86 1.97 2.29
N ASP A 15 6.55 1.59 1.06
CA ASP A 15 6.13 2.55 0.05
C ASP A 15 4.78 3.16 0.42
N CYS A 16 3.97 2.40 1.15
CA CYS A 16 2.65 2.86 1.56
C CYS A 16 2.59 3.05 3.07
N CYS A 17 1.48 3.60 3.56
CA CYS A 17 1.30 3.84 4.98
C CYS A 17 0.58 2.68 5.64
N LYS A 18 0.50 2.71 6.97
CA LYS A 18 -0.16 1.65 7.72
C LYS A 18 -1.56 1.39 7.18
N HIS A 19 -2.29 2.46 6.88
CA HIS A 19 -3.64 2.36 6.35
C HIS A 19 -3.66 1.44 5.11
N LEU A 20 -2.57 1.45 4.37
CA LEU A 20 -2.46 0.63 3.16
C LEU A 20 -1.57 -0.59 3.41
N GLY A 21 -1.58 -1.52 2.46
CA GLY A 21 -0.76 -2.71 2.59
C GLY A 21 -0.19 -3.17 1.26
N CYS A 22 0.96 -2.61 0.90
CA CYS A 22 1.62 -2.96 -0.36
C CYS A 22 1.73 -4.48 -0.50
N ARG A 23 1.08 -5.02 -1.53
CA ARG A 23 1.11 -6.45 -1.77
C ARG A 23 2.35 -6.84 -2.58
N THR A 24 2.89 -8.02 -2.29
CA THR A 24 4.08 -8.50 -2.97
C THR A 24 3.72 -9.16 -4.31
N ASP A 25 2.48 -9.62 -4.42
CA ASP A 25 2.01 -10.26 -5.64
C ASP A 25 1.29 -9.25 -6.54
N LEU A 26 0.53 -8.35 -5.92
CA LEU A 26 -0.20 -7.34 -6.68
C LEU A 26 0.66 -6.09 -6.88
N TYR A 27 1.50 -5.78 -5.90
CA TYR A 27 2.37 -4.62 -5.99
C TYR A 27 1.55 -3.33 -6.05
N TYR A 28 0.69 -3.13 -5.06
CA TYR A 28 -0.15 -1.95 -5.00
C TYR A 28 -0.65 -1.71 -3.58
N CYS A 29 -0.77 -0.43 -3.21
CA CYS A 29 -1.23 -0.06 -1.88
C CYS A 29 -2.70 -0.47 -1.68
N ALA A 30 -2.93 -1.38 -0.75
CA ALA A 30 -4.27 -1.86 -0.46
C ALA A 30 -4.87 -1.13 0.74
N TRP A 31 -5.73 -0.15 0.47
CA TRP A 31 -6.36 0.62 1.54
C TRP A 31 -7.29 -0.27 2.36
N ASP A 32 -6.90 -0.52 3.61
CA ASP A 32 -7.71 -1.34 4.51
C ASP A 32 -7.49 -0.93 5.96
N GLY A 33 -6.23 -0.92 6.39
CA GLY A 33 -5.91 -0.54 7.75
C GLY A 33 -5.83 -1.74 8.68
N THR A 34 -6.48 -2.83 8.29
CA THR A 34 -6.48 -4.04 9.10
C THR A 34 -6.11 -5.26 8.26
N PHE A 35 -4.95 -5.84 8.55
CA PHE A 35 -4.49 -7.02 7.82
C PHE A 35 -5.16 -8.29 8.33
N SER A 1 -1.71 12.30 4.77
CA SER A 1 -1.63 11.29 3.72
C SER A 1 -0.24 11.30 3.07
N GLU A 2 0.69 10.59 3.69
CA GLU A 2 2.06 10.51 3.18
C GLU A 2 2.28 9.20 2.44
N CYS A 3 1.20 8.58 2.00
CA CYS A 3 1.28 7.31 1.26
C CYS A 3 0.54 7.40 -0.07
N ARG A 4 0.80 6.44 -0.94
CA ARG A 4 0.16 6.40 -2.25
C ARG A 4 -1.24 5.82 -2.16
N TYR A 5 -2.19 6.45 -2.85
CA TYR A 5 -3.58 5.99 -2.85
C TYR A 5 -3.70 4.63 -3.51
N LEU A 6 -4.88 4.03 -3.40
CA LEU A 6 -5.14 2.73 -4.00
C LEU A 6 -4.56 2.64 -5.40
N PHE A 7 -3.85 1.55 -5.68
CA PHE A 7 -3.23 1.35 -6.98
C PHE A 7 -2.24 2.47 -7.30
N GLY A 8 -1.33 2.72 -6.37
CA GLY A 8 -0.34 3.76 -6.55
C GLY A 8 0.92 3.24 -7.21
N GLY A 9 0.95 1.95 -7.50
CA GLY A 9 2.12 1.35 -8.14
C GLY A 9 3.29 1.25 -7.19
N CYS A 10 3.06 0.69 -6.00
CA CYS A 10 4.11 0.54 -5.01
C CYS A 10 4.90 -0.74 -5.25
N LYS A 11 5.90 -0.98 -4.41
CA LYS A 11 6.74 -2.17 -4.52
C LYS A 11 6.86 -2.88 -3.17
N THR A 12 6.94 -2.09 -2.10
CA THR A 12 7.07 -2.65 -0.77
C THR A 12 6.11 -1.97 0.21
N THR A 13 5.88 -2.60 1.36
CA THR A 13 4.98 -2.05 2.36
C THR A 13 5.43 -0.67 2.81
N ALA A 14 6.75 -0.46 2.84
CA ALA A 14 7.31 0.81 3.25
C ALA A 14 6.88 1.94 2.31
N ASP A 15 6.56 1.57 1.07
CA ASP A 15 6.13 2.55 0.08
C ASP A 15 4.78 3.15 0.45
N CYS A 16 3.97 2.38 1.17
CA CYS A 16 2.66 2.84 1.61
C CYS A 16 2.61 3.01 3.11
N CYS A 17 1.50 3.57 3.60
CA CYS A 17 1.33 3.79 5.04
C CYS A 17 0.62 2.62 5.69
N LYS A 18 0.53 2.65 7.02
CA LYS A 18 -0.13 1.59 7.77
C LYS A 18 -1.54 1.33 7.22
N HIS A 19 -2.26 2.39 6.92
CA HIS A 19 -3.61 2.28 6.39
C HIS A 19 -3.63 1.37 5.15
N LEU A 20 -2.53 1.39 4.40
CA LEU A 20 -2.43 0.57 3.20
C LEU A 20 -1.51 -0.62 3.44
N GLY A 21 -1.51 -1.56 2.48
CA GLY A 21 -0.68 -2.74 2.60
C GLY A 21 -0.12 -3.20 1.28
N CYS A 22 1.02 -2.64 0.89
CA CYS A 22 1.66 -2.99 -0.37
C CYS A 22 1.78 -4.50 -0.52
N ARG A 23 1.11 -5.04 -1.54
CA ARG A 23 1.13 -6.47 -1.79
C ARG A 23 2.37 -6.86 -2.59
N THR A 24 2.91 -8.06 -2.31
CA THR A 24 4.09 -8.54 -2.99
C THR A 24 3.73 -9.19 -4.33
N ASP A 25 2.48 -9.63 -4.44
CA ASP A 25 2.01 -10.26 -5.67
C ASP A 25 1.31 -9.25 -6.57
N LEU A 26 0.55 -8.35 -5.95
CA LEU A 26 -0.17 -7.33 -6.69
C LEU A 26 0.69 -6.08 -6.89
N TYR A 27 1.52 -5.79 -5.91
CA TYR A 27 2.41 -4.63 -5.98
C TYR A 27 1.60 -3.34 -6.04
N TYR A 28 0.72 -3.14 -5.06
CA TYR A 28 -0.11 -1.94 -5.01
C TYR A 28 -0.61 -1.69 -3.59
N CYS A 29 -0.76 -0.42 -3.24
CA CYS A 29 -1.22 -0.05 -1.91
C CYS A 29 -2.70 -0.42 -1.73
N ALA A 30 -2.96 -1.33 -0.80
CA ALA A 30 -4.32 -1.78 -0.53
C ALA A 30 -4.89 -1.07 0.69
N TRP A 31 -5.74 -0.07 0.45
CA TRP A 31 -6.36 0.69 1.53
C TRP A 31 -7.30 -0.19 2.35
N ASP A 32 -6.90 -0.49 3.57
CA ASP A 32 -7.71 -1.31 4.46
C ASP A 32 -7.58 -0.87 5.91
N GLY A 33 -6.35 -0.82 6.39
CA GLY A 33 -6.11 -0.41 7.76
C GLY A 33 -5.95 -1.58 8.72
N THR A 34 -6.49 -2.73 8.32
CA THR A 34 -6.41 -3.94 9.14
C THR A 34 -6.00 -5.14 8.31
N PHE A 35 -5.07 -5.93 8.84
CA PHE A 35 -4.59 -7.12 8.13
C PHE A 35 -4.44 -8.29 9.11
N SER A 1 -2.04 12.48 4.46
CA SER A 1 -1.78 11.27 3.68
C SER A 1 -0.39 11.31 3.05
N GLU A 2 0.55 10.61 3.68
CA GLU A 2 1.92 10.56 3.18
C GLU A 2 2.19 9.25 2.45
N CYS A 3 1.12 8.61 1.98
CA CYS A 3 1.24 7.34 1.26
C CYS A 3 0.52 7.41 -0.09
N ARG A 4 0.81 6.44 -0.95
CA ARG A 4 0.19 6.40 -2.26
C ARG A 4 -1.21 5.78 -2.20
N TYR A 5 -2.17 6.45 -2.83
CA TYR A 5 -3.54 5.97 -2.83
C TYR A 5 -3.64 4.61 -3.52
N LEU A 6 -4.81 3.99 -3.42
CA LEU A 6 -5.04 2.69 -4.04
C LEU A 6 -4.47 2.64 -5.44
N PHE A 7 -3.79 1.54 -5.77
CA PHE A 7 -3.18 1.37 -7.08
C PHE A 7 -2.16 2.47 -7.36
N GLY A 8 -1.33 2.76 -6.37
CA GLY A 8 -0.33 3.79 -6.52
C GLY A 8 0.95 3.27 -7.17
N GLY A 9 0.95 1.98 -7.50
CA GLY A 9 2.12 1.38 -8.12
C GLY A 9 3.30 1.27 -7.17
N CYS A 10 3.05 0.71 -5.99
CA CYS A 10 4.09 0.56 -4.98
C CYS A 10 4.89 -0.73 -5.22
N LYS A 11 5.89 -0.95 -4.38
CA LYS A 11 6.73 -2.14 -4.50
C LYS A 11 6.86 -2.85 -3.16
N THR A 12 6.94 -2.07 -2.08
CA THR A 12 7.07 -2.63 -0.74
C THR A 12 6.11 -1.94 0.22
N THR A 13 5.88 -2.57 1.37
CA THR A 13 4.98 -2.03 2.39
C THR A 13 5.44 -0.64 2.83
N ALA A 14 6.74 -0.43 2.85
CA ALA A 14 7.30 0.85 3.26
C ALA A 14 6.87 1.96 2.32
N ASP A 15 6.56 1.59 1.08
CA ASP A 15 6.12 2.56 0.08
C ASP A 15 4.77 3.17 0.46
N CYS A 16 3.96 2.40 1.18
CA CYS A 16 2.64 2.85 1.60
C CYS A 16 2.59 3.04 3.11
N CYS A 17 1.48 3.59 3.60
CA CYS A 17 1.31 3.82 5.02
C CYS A 17 0.59 2.65 5.69
N LYS A 18 0.51 2.70 7.01
CA LYS A 18 -0.15 1.64 7.76
C LYS A 18 -1.55 1.36 7.22
N HIS A 19 -2.28 2.43 6.90
CA HIS A 19 -3.63 2.30 6.37
C HIS A 19 -3.64 1.38 5.15
N LEU A 20 -2.55 1.39 4.40
CA LEU A 20 -2.43 0.55 3.21
C LEU A 20 -1.49 -0.63 3.46
N GLY A 21 -1.49 -1.58 2.53
CA GLY A 21 -0.63 -2.74 2.66
C GLY A 21 -0.08 -3.21 1.33
N CYS A 22 1.06 -2.63 0.94
CA CYS A 22 1.69 -2.99 -0.33
C CYS A 22 1.84 -4.51 -0.46
N ARG A 23 1.17 -5.07 -1.46
CA ARG A 23 1.22 -6.52 -1.69
C ARG A 23 2.39 -6.88 -2.59
N THR A 24 2.99 -8.05 -2.34
CA THR A 24 4.13 -8.51 -3.13
C THR A 24 3.67 -9.19 -4.41
N ASP A 25 2.41 -9.64 -4.41
CA ASP A 25 1.86 -10.31 -5.57
C ASP A 25 1.12 -9.32 -6.48
N LEU A 26 0.48 -8.33 -5.85
CA LEU A 26 -0.26 -7.32 -6.60
C LEU A 26 0.60 -6.08 -6.85
N TYR A 27 1.47 -5.77 -5.89
CA TYR A 27 2.35 -4.62 -6.00
C TYR A 27 1.56 -3.33 -6.07
N TYR A 28 0.71 -3.10 -5.07
CA TYR A 28 -0.12 -1.91 -5.01
C TYR A 28 -0.63 -1.67 -3.60
N CYS A 29 -0.76 -0.40 -3.23
CA CYS A 29 -1.24 -0.02 -1.90
C CYS A 29 -2.71 -0.41 -1.73
N ALA A 30 -2.97 -1.33 -0.80
CA ALA A 30 -4.33 -1.78 -0.54
C ALA A 30 -4.91 -1.08 0.68
N TRP A 31 -5.76 -0.08 0.44
CA TRP A 31 -6.39 0.67 1.52
C TRP A 31 -7.32 -0.21 2.33
N ASP A 32 -6.92 -0.51 3.56
CA ASP A 32 -7.72 -1.36 4.44
C ASP A 32 -7.57 -0.92 5.89
N GLY A 33 -6.33 -0.89 6.37
CA GLY A 33 -6.07 -0.48 7.74
C GLY A 33 -5.89 -1.67 8.66
N THR A 34 -6.43 -2.82 8.27
CA THR A 34 -6.32 -4.02 9.07
C THR A 34 -5.88 -5.22 8.23
N PHE A 35 -4.88 -5.95 8.71
CA PHE A 35 -4.37 -7.10 8.00
C PHE A 35 -4.13 -8.28 8.95
N SER A 1 -2.09 12.54 4.43
CA SER A 1 -1.81 11.32 3.69
C SER A 1 -0.42 11.36 3.07
N GLU A 2 0.51 10.64 3.67
CA GLU A 2 1.89 10.60 3.18
C GLU A 2 2.16 9.29 2.45
N CYS A 3 1.10 8.64 1.98
CA CYS A 3 1.23 7.37 1.27
C CYS A 3 0.53 7.44 -0.08
N ARG A 4 0.78 6.46 -0.93
CA ARG A 4 0.17 6.40 -2.25
C ARG A 4 -1.22 5.77 -2.19
N TYR A 5 -2.19 6.43 -2.83
CA TYR A 5 -3.56 5.94 -2.83
C TYR A 5 -3.65 4.59 -3.52
N LEU A 6 -4.81 3.96 -3.43
CA LEU A 6 -5.03 2.66 -4.04
C LEU A 6 -4.46 2.62 -5.45
N PHE A 7 -3.78 1.52 -5.77
CA PHE A 7 -3.17 1.36 -7.09
C PHE A 7 -2.15 2.47 -7.36
N GLY A 8 -1.32 2.75 -6.37
CA GLY A 8 -0.32 3.79 -6.53
C GLY A 8 0.96 3.27 -7.17
N GLY A 9 0.97 1.99 -7.49
CA GLY A 9 2.14 1.40 -8.12
C GLY A 9 3.32 1.29 -7.17
N CYS A 10 3.08 0.74 -5.99
CA CYS A 10 4.13 0.58 -4.98
C CYS A 10 4.92 -0.70 -5.22
N LYS A 11 5.93 -0.93 -4.37
CA LYS A 11 6.76 -2.12 -4.49
C LYS A 11 6.87 -2.84 -3.16
N THR A 12 6.93 -2.07 -2.07
CA THR A 12 7.04 -2.64 -0.73
C THR A 12 6.07 -1.95 0.22
N THR A 13 5.84 -2.59 1.38
CA THR A 13 4.93 -2.03 2.38
C THR A 13 5.39 -0.65 2.84
N ALA A 14 6.70 -0.46 2.89
CA ALA A 14 7.27 0.82 3.30
C ALA A 14 6.86 1.94 2.36
N ASP A 15 6.54 1.58 1.12
CA ASP A 15 6.13 2.56 0.12
C ASP A 15 4.78 3.17 0.47
N CYS A 16 3.97 2.41 1.20
CA CYS A 16 2.65 2.87 1.61
C CYS A 16 2.59 3.07 3.12
N CYS A 17 1.48 3.63 3.60
CA CYS A 17 1.29 3.86 5.03
C CYS A 17 0.57 2.69 5.68
N LYS A 18 0.49 2.72 7.00
CA LYS A 18 -0.18 1.65 7.75
C LYS A 18 -1.57 1.39 7.20
N HIS A 19 -2.30 2.46 6.89
CA HIS A 19 -3.64 2.33 6.34
C HIS A 19 -3.65 1.42 5.11
N LEU A 20 -2.55 1.42 4.37
CA LEU A 20 -2.44 0.60 3.17
C LEU A 20 -1.52 -0.59 3.43
N GLY A 21 -1.51 -1.54 2.49
CA GLY A 21 -0.67 -2.71 2.63
C GLY A 21 -0.11 -3.18 1.30
N CYS A 22 1.03 -2.61 0.90
CA CYS A 22 1.67 -2.98 -0.35
C CYS A 22 1.81 -4.49 -0.48
N ARG A 23 1.14 -5.07 -1.48
CA ARG A 23 1.19 -6.50 -1.70
C ARG A 23 2.36 -6.88 -2.61
N THR A 24 2.97 -8.03 -2.34
CA THR A 24 4.10 -8.49 -3.13
C THR A 24 3.64 -9.19 -4.39
N ASP A 25 2.38 -9.60 -4.41
CA ASP A 25 1.81 -10.29 -5.56
C ASP A 25 1.11 -9.31 -6.49
N LEU A 26 0.42 -8.33 -5.90
CA LEU A 26 -0.29 -7.32 -6.68
C LEU A 26 0.58 -6.10 -6.92
N TYR A 27 1.46 -5.81 -5.96
CA TYR A 27 2.35 -4.65 -6.06
C TYR A 27 1.56 -3.36 -6.10
N TYR A 28 0.72 -3.14 -5.09
CA TYR A 28 -0.10 -1.94 -5.03
C TYR A 28 -0.59 -1.69 -3.60
N CYS A 29 -0.74 -0.43 -3.24
CA CYS A 29 -1.21 -0.06 -1.90
C CYS A 29 -2.67 -0.46 -1.71
N ALA A 30 -2.91 -1.38 -0.79
CA ALA A 30 -4.26 -1.84 -0.50
C ALA A 30 -4.84 -1.12 0.71
N TRP A 31 -5.70 -0.13 0.45
CA TRP A 31 -6.33 0.63 1.52
C TRP A 31 -7.25 -0.25 2.35
N ASP A 32 -6.86 -0.52 3.59
CA ASP A 32 -7.67 -1.34 4.49
C ASP A 32 -7.47 -0.92 5.94
N GLY A 33 -6.21 -0.91 6.39
CA GLY A 33 -5.93 -0.53 7.75
C GLY A 33 -5.87 -1.72 8.69
N THR A 34 -6.53 -2.80 8.31
CA THR A 34 -6.56 -4.01 9.13
C THR A 34 -6.04 -5.21 8.35
N PHE A 35 -5.32 -6.09 9.04
CA PHE A 35 -4.76 -7.28 8.41
C PHE A 35 -4.82 -8.47 9.36
N SER A 1 -2.09 12.42 4.41
CA SER A 1 -1.85 11.22 3.61
C SER A 1 -0.46 11.26 2.98
N GLU A 2 0.50 10.64 3.66
CA GLU A 2 1.88 10.61 3.17
C GLU A 2 2.15 9.29 2.44
N CYS A 3 1.10 8.65 1.98
CA CYS A 3 1.23 7.37 1.27
C CYS A 3 0.53 7.44 -0.08
N ARG A 4 0.79 6.45 -0.93
CA ARG A 4 0.19 6.39 -2.26
C ARG A 4 -1.20 5.77 -2.20
N TYR A 5 -2.17 6.44 -2.81
CA TYR A 5 -3.55 5.95 -2.83
C TYR A 5 -3.64 4.60 -3.52
N LEU A 6 -4.80 3.97 -3.43
CA LEU A 6 -5.02 2.67 -4.04
C LEU A 6 -4.45 2.62 -5.45
N PHE A 7 -3.77 1.53 -5.77
CA PHE A 7 -3.16 1.37 -7.09
C PHE A 7 -2.15 2.47 -7.36
N GLY A 8 -1.32 2.76 -6.36
CA GLY A 8 -0.30 3.80 -6.51
C GLY A 8 0.96 3.28 -7.16
N GLY A 9 0.97 1.99 -7.48
CA GLY A 9 2.14 1.39 -8.11
C GLY A 9 3.32 1.30 -7.16
N CYS A 10 3.07 0.74 -5.98
CA CYS A 10 4.12 0.58 -4.98
C CYS A 10 4.92 -0.69 -5.21
N LYS A 11 5.92 -0.93 -4.37
CA LYS A 11 6.76 -2.11 -4.48
C LYS A 11 6.87 -2.84 -3.14
N THR A 12 6.92 -2.07 -2.06
CA THR A 12 7.02 -2.63 -0.73
C THR A 12 6.05 -1.95 0.24
N THR A 13 5.82 -2.58 1.38
CA THR A 13 4.92 -2.04 2.39
C THR A 13 5.38 -0.66 2.85
N ALA A 14 6.69 -0.46 2.89
CA ALA A 14 7.26 0.82 3.31
C ALA A 14 6.84 1.93 2.37
N ASP A 15 6.54 1.58 1.13
CA ASP A 15 6.13 2.55 0.13
C ASP A 15 4.79 3.17 0.49
N CYS A 16 3.96 2.41 1.20
CA CYS A 16 2.64 2.88 1.61
C CYS A 16 2.58 3.06 3.13
N CYS A 17 1.47 3.63 3.60
CA CYS A 17 1.28 3.86 5.02
C CYS A 17 0.56 2.69 5.67
N LYS A 18 0.47 2.72 7.00
CA LYS A 18 -0.20 1.67 7.75
C LYS A 18 -1.59 1.39 7.19
N HIS A 19 -2.32 2.46 6.88
CA HIS A 19 -3.67 2.34 6.34
C HIS A 19 -3.67 1.43 5.12
N LEU A 20 -2.57 1.43 4.37
CA LEU A 20 -2.45 0.60 3.18
C LEU A 20 -1.53 -0.59 3.43
N GLY A 21 -1.53 -1.53 2.49
CA GLY A 21 -0.69 -2.71 2.62
C GLY A 21 -0.12 -3.18 1.30
N CYS A 22 1.02 -2.61 0.91
CA CYS A 22 1.66 -2.98 -0.35
C CYS A 22 1.79 -4.49 -0.47
N ARG A 23 1.13 -5.07 -1.47
CA ARG A 23 1.18 -6.50 -1.70
C ARG A 23 2.34 -6.87 -2.61
N THR A 24 2.96 -8.02 -2.34
CA THR A 24 4.09 -8.48 -3.12
C THR A 24 3.62 -9.20 -4.39
N ASP A 25 2.36 -9.60 -4.40
CA ASP A 25 1.79 -10.29 -5.55
C ASP A 25 1.09 -9.30 -6.49
N LEU A 26 0.41 -8.33 -5.90
CA LEU A 26 -0.30 -7.32 -6.68
C LEU A 26 0.58 -6.10 -6.91
N TYR A 27 1.44 -5.80 -5.95
CA TYR A 27 2.34 -4.66 -6.06
C TYR A 27 1.56 -3.36 -6.10
N TYR A 28 0.71 -3.15 -5.09
CA TYR A 28 -0.10 -1.93 -5.01
C TYR A 28 -0.59 -1.70 -3.59
N CYS A 29 -0.75 -0.43 -3.23
CA CYS A 29 -1.22 -0.07 -1.90
C CYS A 29 -2.68 -0.46 -1.70
N ALA A 30 -2.92 -1.38 -0.78
CA ALA A 30 -4.26 -1.86 -0.50
C ALA A 30 -4.85 -1.13 0.71
N TRP A 31 -5.71 -0.15 0.44
CA TRP A 31 -6.34 0.63 1.51
C TRP A 31 -7.27 -0.25 2.34
N ASP A 32 -6.88 -0.52 3.59
CA ASP A 32 -7.68 -1.34 4.48
C ASP A 32 -7.49 -0.92 5.93
N GLY A 33 -6.24 -0.91 6.38
CA GLY A 33 -5.94 -0.52 7.74
C GLY A 33 -5.82 -1.71 8.67
N THR A 34 -6.43 -2.83 8.28
CA THR A 34 -6.40 -4.04 9.09
C THR A 34 -5.90 -5.23 8.27
N PHE A 35 -5.34 -6.22 8.96
CA PHE A 35 -4.82 -7.42 8.30
C PHE A 35 -4.91 -8.63 9.22
N SER A 1 -2.03 12.42 4.60
CA SER A 1 -1.82 11.30 3.70
C SER A 1 -0.43 11.35 3.07
N GLU A 2 0.51 10.64 3.66
CA GLU A 2 1.88 10.60 3.17
C GLU A 2 2.17 9.29 2.43
N CYS A 3 1.09 8.64 1.99
CA CYS A 3 1.23 7.37 1.27
C CYS A 3 0.52 7.43 -0.09
N ARG A 4 0.79 6.45 -0.93
CA ARG A 4 0.18 6.40 -2.26
C ARG A 4 -1.21 5.78 -2.19
N TYR A 5 -2.18 6.43 -2.82
CA TYR A 5 -3.55 5.95 -2.83
C TYR A 5 -3.65 4.59 -3.52
N LEU A 6 -4.81 3.96 -3.42
CA LEU A 6 -5.04 2.65 -4.03
C LEU A 6 -4.46 2.62 -5.45
N PHE A 7 -3.78 1.52 -5.77
CA PHE A 7 -3.18 1.36 -7.09
C PHE A 7 -2.16 2.46 -7.36
N GLY A 8 -1.32 2.75 -6.37
CA GLY A 8 -0.33 3.79 -6.52
C GLY A 8 0.95 3.27 -7.17
N GLY A 9 0.97 1.99 -7.49
CA GLY A 9 2.13 1.39 -8.12
C GLY A 9 3.32 1.29 -7.17
N CYS A 10 3.07 0.73 -5.99
CA CYS A 10 4.12 0.58 -4.99
C CYS A 10 4.92 -0.70 -5.22
N LYS A 11 5.92 -0.93 -4.38
CA LYS A 11 6.76 -2.12 -4.50
C LYS A 11 6.88 -2.84 -3.16
N THR A 12 6.93 -2.06 -2.08
CA THR A 12 7.05 -2.63 -0.75
C THR A 12 6.08 -1.95 0.22
N THR A 13 5.86 -2.59 1.37
CA THR A 13 4.95 -2.04 2.38
C THR A 13 5.40 -0.66 2.84
N ALA A 14 6.71 -0.45 2.87
CA ALA A 14 7.28 0.83 3.29
C ALA A 14 6.87 1.95 2.35
N ASP A 15 6.55 1.58 1.11
CA ASP A 15 6.13 2.56 0.10
C ASP A 15 4.78 3.17 0.47
N CYS A 16 3.97 2.41 1.18
CA CYS A 16 2.65 2.87 1.61
C CYS A 16 2.60 3.06 3.11
N CYS A 17 1.48 3.62 3.60
CA CYS A 17 1.30 3.85 5.02
C CYS A 17 0.59 2.68 5.68
N LYS A 18 0.50 2.71 7.01
CA LYS A 18 -0.17 1.65 7.76
C LYS A 18 -1.55 1.37 7.20
N HIS A 19 -2.29 2.44 6.89
CA HIS A 19 -3.63 2.32 6.35
C HIS A 19 -3.64 1.41 5.13
N LEU A 20 -2.54 1.42 4.38
CA LEU A 20 -2.42 0.59 3.19
C LEU A 20 -1.50 -0.60 3.43
N GLY A 21 -1.49 -1.54 2.49
CA GLY A 21 -0.65 -2.72 2.63
C GLY A 21 -0.10 -3.18 1.30
N CYS A 22 1.04 -2.62 0.91
CA CYS A 22 1.68 -2.98 -0.35
C CYS A 22 1.81 -4.49 -0.48
N ARG A 23 1.15 -5.06 -1.48
CA ARG A 23 1.20 -6.50 -1.71
C ARG A 23 2.37 -6.87 -2.62
N THR A 24 2.99 -8.01 -2.35
CA THR A 24 4.12 -8.49 -3.13
C THR A 24 3.65 -9.19 -4.40
N ASP A 25 2.39 -9.61 -4.41
CA ASP A 25 1.82 -10.29 -5.57
C ASP A 25 1.12 -9.30 -6.49
N LEU A 26 0.44 -8.33 -5.90
CA LEU A 26 -0.28 -7.32 -6.67
C LEU A 26 0.59 -6.09 -6.91
N TYR A 27 1.46 -5.80 -5.95
CA TYR A 27 2.35 -4.65 -6.05
C TYR A 27 1.57 -3.35 -6.10
N TYR A 28 0.72 -3.14 -5.09
CA TYR A 28 -0.10 -1.93 -5.01
C TYR A 28 -0.58 -1.70 -3.60
N CYS A 29 -0.76 -0.42 -3.24
CA CYS A 29 -1.22 -0.06 -1.90
C CYS A 29 -2.68 -0.45 -1.71
N ALA A 30 -2.93 -1.37 -0.79
CA ALA A 30 -4.28 -1.83 -0.50
C ALA A 30 -4.86 -1.11 0.71
N TRP A 31 -5.71 -0.13 0.46
CA TRP A 31 -6.34 0.65 1.52
C TRP A 31 -7.27 -0.24 2.35
N ASP A 32 -6.87 -0.53 3.59
CA ASP A 32 -7.68 -1.36 4.47
C ASP A 32 -7.51 -0.92 5.93
N GLY A 33 -6.26 -0.88 6.39
CA GLY A 33 -5.99 -0.49 7.75
C GLY A 33 -5.88 -1.67 8.69
N THR A 34 -6.48 -2.79 8.31
CA THR A 34 -6.45 -3.99 9.13
C THR A 34 -6.04 -5.21 8.30
N PHE A 35 -4.91 -5.81 8.68
CA PHE A 35 -4.40 -6.97 7.97
C PHE A 35 -4.85 -8.27 8.65
N SER A 1 1.49 8.95 6.00
CA SER A 1 0.66 10.14 5.87
C SER A 1 0.45 10.50 4.41
N GLU A 2 1.55 10.63 3.66
CA GLU A 2 1.48 10.97 2.26
C GLU A 2 1.59 9.73 1.38
N CYS A 3 1.27 8.57 1.98
CA CYS A 3 1.33 7.30 1.26
C CYS A 3 0.58 7.39 -0.06
N ARG A 4 0.86 6.45 -0.95
CA ARG A 4 0.21 6.42 -2.26
C ARG A 4 -1.20 5.84 -2.16
N TYR A 5 -2.15 6.47 -2.85
CA TYR A 5 -3.53 6.03 -2.83
C TYR A 5 -3.68 4.66 -3.50
N LEU A 6 -4.87 4.07 -3.37
CA LEU A 6 -5.13 2.78 -3.96
C LEU A 6 -4.55 2.67 -5.36
N PHE A 7 -3.85 1.58 -5.63
CA PHE A 7 -3.24 1.37 -6.95
C PHE A 7 -2.25 2.48 -7.27
N GLY A 8 -1.32 2.73 -6.35
CA GLY A 8 -0.33 3.77 -6.56
C GLY A 8 0.93 3.24 -7.20
N GLY A 9 0.94 1.95 -7.51
CA GLY A 9 2.11 1.35 -8.13
C GLY A 9 3.28 1.24 -7.18
N CYS A 10 3.04 0.68 -6.00
CA CYS A 10 4.09 0.53 -5.00
C CYS A 10 4.87 -0.75 -5.24
N LYS A 11 5.89 -0.98 -4.39
CA LYS A 11 6.72 -2.17 -4.51
C LYS A 11 6.85 -2.88 -3.17
N THR A 12 6.93 -2.10 -2.10
CA THR A 12 7.07 -2.65 -0.75
C THR A 12 6.11 -1.96 0.21
N THR A 13 5.88 -2.59 1.36
CA THR A 13 4.98 -2.04 2.38
C THR A 13 5.43 -0.65 2.82
N ALA A 14 6.75 -0.45 2.84
CA ALA A 14 7.31 0.84 3.24
C ALA A 14 6.88 1.95 2.30
N ASP A 15 6.55 1.58 1.05
CA ASP A 15 6.12 2.55 0.06
C ASP A 15 4.77 3.15 0.43
N CYS A 16 3.96 2.38 1.16
CA CYS A 16 2.65 2.83 1.58
C CYS A 16 2.60 3.03 3.10
N CYS A 17 1.49 3.57 3.58
CA CYS A 17 1.32 3.81 5.01
C CYS A 17 0.60 2.64 5.67
N LYS A 18 0.52 2.68 7.00
CA LYS A 18 -0.15 1.61 7.76
C LYS A 18 -1.54 1.34 7.20
N HIS A 19 -2.27 2.42 6.91
CA HIS A 19 -3.62 2.30 6.38
C HIS A 19 -3.65 1.40 5.15
N LEU A 20 -2.55 1.40 4.41
CA LEU A 20 -2.44 0.57 3.20
C LEU A 20 -1.52 -0.62 3.44
N GLY A 21 -1.53 -1.56 2.50
CA GLY A 21 -0.70 -2.73 2.62
C GLY A 21 -0.13 -3.19 1.28
N CYS A 22 1.01 -2.63 0.90
CA CYS A 22 1.65 -2.98 -0.36
C CYS A 22 1.76 -4.50 -0.50
N ARG A 23 1.10 -5.04 -1.52
CA ARG A 23 1.12 -6.47 -1.77
C ARG A 23 2.36 -6.87 -2.57
N THR A 24 2.90 -8.05 -2.29
CA THR A 24 4.09 -8.54 -2.97
C THR A 24 3.72 -9.18 -4.30
N ASP A 25 2.48 -9.64 -4.42
CA ASP A 25 2.00 -10.27 -5.64
C ASP A 25 1.30 -9.26 -6.54
N LEU A 26 0.55 -8.36 -5.92
CA LEU A 26 -0.18 -7.34 -6.67
C LEU A 26 0.68 -6.10 -6.89
N TYR A 27 1.52 -5.80 -5.89
CA TYR A 27 2.40 -4.63 -5.97
C TYR A 27 1.59 -3.34 -6.05
N TYR A 28 0.72 -3.15 -5.06
CA TYR A 28 -0.13 -1.96 -5.01
C TYR A 28 -0.63 -1.71 -3.59
N CYS A 29 -0.76 -0.43 -3.23
CA CYS A 29 -1.23 -0.06 -1.91
C CYS A 29 -2.69 -0.44 -1.72
N ALA A 30 -2.95 -1.36 -0.79
CA ALA A 30 -4.30 -1.81 -0.52
C ALA A 30 -4.89 -1.10 0.70
N TRP A 31 -5.75 -0.11 0.43
CA TRP A 31 -6.37 0.65 1.51
C TRP A 31 -7.32 -0.22 2.33
N ASP A 32 -6.94 -0.51 3.56
CA ASP A 32 -7.75 -1.33 4.45
C ASP A 32 -7.58 -0.90 5.89
N GLY A 33 -6.34 -0.86 6.36
CA GLY A 33 -6.08 -0.46 7.73
C GLY A 33 -5.93 -1.65 8.66
N THR A 34 -6.50 -2.77 8.27
CA THR A 34 -6.43 -3.99 9.08
C THR A 34 -5.98 -5.19 8.26
N PHE A 35 -5.41 -6.19 8.92
CA PHE A 35 -4.94 -7.38 8.24
C PHE A 35 -5.06 -8.61 9.14
N SER A 1 1.01 8.85 5.96
CA SER A 1 0.64 10.25 5.80
C SER A 1 0.44 10.60 4.33
N GLU A 2 1.54 10.65 3.58
CA GLU A 2 1.49 10.97 2.17
C GLU A 2 1.60 9.71 1.32
N CYS A 3 1.28 8.57 1.91
CA CYS A 3 1.35 7.30 1.21
C CYS A 3 0.61 7.37 -0.12
N ARG A 4 0.91 6.43 -1.01
CA ARG A 4 0.27 6.39 -2.33
C ARG A 4 -1.12 5.78 -2.23
N TYR A 5 -2.09 6.47 -2.82
CA TYR A 5 -3.48 6.00 -2.80
C TYR A 5 -3.60 4.64 -3.49
N LEU A 6 -4.78 4.03 -3.37
CA LEU A 6 -5.02 2.73 -3.98
C LEU A 6 -4.46 2.68 -5.40
N PHE A 7 -3.78 1.57 -5.71
CA PHE A 7 -3.19 1.39 -7.04
C PHE A 7 -2.17 2.48 -7.33
N GLY A 8 -1.31 2.76 -6.34
CA GLY A 8 -0.30 3.78 -6.50
C GLY A 8 0.98 3.24 -7.13
N GLY A 9 0.94 1.97 -7.53
CA GLY A 9 2.10 1.35 -8.13
C GLY A 9 3.27 1.25 -7.18
N CYS A 10 3.02 0.69 -6.00
CA CYS A 10 4.06 0.54 -4.98
C CYS A 10 4.86 -0.74 -5.21
N LYS A 11 5.88 -0.95 -4.39
CA LYS A 11 6.72 -2.14 -4.50
C LYS A 11 6.86 -2.84 -3.15
N THR A 12 6.95 -2.05 -2.09
CA THR A 12 7.08 -2.60 -0.74
C THR A 12 6.13 -1.92 0.23
N THR A 13 5.90 -2.54 1.38
CA THR A 13 5.01 -2.00 2.39
C THR A 13 5.45 -0.61 2.82
N ALA A 14 6.77 -0.38 2.84
CA ALA A 14 7.32 0.90 3.23
C ALA A 14 6.87 2.01 2.28
N ASP A 15 6.56 1.62 1.05
CA ASP A 15 6.12 2.58 0.04
C ASP A 15 4.76 3.17 0.41
N CYS A 16 3.97 2.39 1.14
CA CYS A 16 2.64 2.84 1.56
C CYS A 16 2.59 3.04 3.08
N CYS A 17 1.47 3.58 3.55
CA CYS A 17 1.30 3.83 4.98
C CYS A 17 0.57 2.66 5.65
N LYS A 18 0.49 2.70 6.98
CA LYS A 18 -0.18 1.65 7.73
C LYS A 18 -1.57 1.39 7.18
N HIS A 19 -2.28 2.46 6.86
CA HIS A 19 -3.64 2.35 6.33
C HIS A 19 -3.67 1.41 5.12
N LEU A 20 -2.57 1.39 4.36
CA LEU A 20 -2.47 0.53 3.19
C LEU A 20 -1.53 -0.64 3.44
N GLY A 21 -1.53 -1.60 2.53
CA GLY A 21 -0.67 -2.76 2.67
C GLY A 21 -0.09 -3.22 1.34
N CYS A 22 1.04 -2.63 0.95
CA CYS A 22 1.68 -2.99 -0.31
C CYS A 22 1.84 -4.50 -0.44
N ARG A 23 1.18 -5.08 -1.45
CA ARG A 23 1.24 -6.51 -1.68
C ARG A 23 2.41 -6.87 -2.58
N THR A 24 3.02 -8.03 -2.34
CA THR A 24 4.15 -8.49 -3.13
C THR A 24 3.69 -9.16 -4.42
N ASP A 25 2.44 -9.62 -4.42
CA ASP A 25 1.88 -10.30 -5.58
C ASP A 25 1.14 -9.30 -6.47
N LEU A 26 0.50 -8.33 -5.85
CA LEU A 26 -0.25 -7.31 -6.59
C LEU A 26 0.61 -6.07 -6.83
N TYR A 27 1.47 -5.76 -5.87
CA TYR A 27 2.35 -4.60 -5.99
C TYR A 27 1.55 -3.31 -6.05
N TYR A 28 0.70 -3.09 -5.05
CA TYR A 28 -0.14 -1.89 -5.00
C TYR A 28 -0.65 -1.65 -3.58
N CYS A 29 -0.78 -0.38 -3.21
CA CYS A 29 -1.27 -0.03 -1.88
C CYS A 29 -2.73 -0.41 -1.72
N ALA A 30 -3.00 -1.34 -0.79
CA ALA A 30 -4.36 -1.79 -0.54
C ALA A 30 -4.95 -1.09 0.68
N TRP A 31 -5.79 -0.10 0.44
CA TRP A 31 -6.42 0.66 1.52
C TRP A 31 -7.34 -0.25 2.34
N ASP A 32 -6.94 -0.52 3.57
CA ASP A 32 -7.71 -1.37 4.46
C ASP A 32 -7.52 -0.95 5.92
N GLY A 33 -6.27 -0.93 6.36
CA GLY A 33 -5.97 -0.55 7.73
C GLY A 33 -5.90 -1.74 8.66
N THR A 34 -6.56 -2.84 8.27
CA THR A 34 -6.57 -4.05 9.08
C THR A 34 -5.99 -5.23 8.32
N PHE A 35 -4.92 -5.81 8.86
CA PHE A 35 -4.28 -6.95 8.23
C PHE A 35 -3.99 -8.05 9.24
N SER A 1 -2.12 12.58 4.33
CA SER A 1 -1.80 11.31 3.68
C SER A 1 -0.41 11.35 3.06
N GLU A 2 0.53 10.64 3.67
CA GLU A 2 1.90 10.61 3.18
C GLU A 2 2.18 9.29 2.44
N CYS A 3 1.11 8.65 1.99
CA CYS A 3 1.23 7.38 1.28
C CYS A 3 0.53 7.45 -0.08
N ARG A 4 0.79 6.46 -0.93
CA ARG A 4 0.18 6.41 -2.25
C ARG A 4 -1.21 5.78 -2.19
N TYR A 5 -2.18 6.44 -2.82
CA TYR A 5 -3.55 5.95 -2.83
C TYR A 5 -3.65 4.60 -3.53
N LEU A 6 -4.81 3.97 -3.44
CA LEU A 6 -5.03 2.67 -4.05
C LEU A 6 -4.45 2.63 -5.46
N PHE A 7 -3.77 1.54 -5.79
CA PHE A 7 -3.16 1.37 -7.11
C PHE A 7 -2.15 2.48 -7.37
N GLY A 8 -1.31 2.76 -6.38
CA GLY A 8 -0.30 3.79 -6.53
C GLY A 8 0.97 3.28 -7.17
N GLY A 9 0.99 1.99 -7.49
CA GLY A 9 2.15 1.39 -8.11
C GLY A 9 3.33 1.29 -7.16
N CYS A 10 3.08 0.73 -5.98
CA CYS A 10 4.13 0.58 -4.97
C CYS A 10 4.92 -0.70 -5.21
N LYS A 11 5.93 -0.92 -4.37
CA LYS A 11 6.77 -2.12 -4.48
C LYS A 11 6.88 -2.83 -3.14
N THR A 12 6.93 -2.06 -2.06
CA THR A 12 7.04 -2.62 -0.72
C THR A 12 6.07 -1.94 0.25
N THR A 13 5.84 -2.57 1.39
CA THR A 13 4.94 -2.02 2.39
C THR A 13 5.39 -0.64 2.85
N ALA A 14 6.71 -0.43 2.89
CA ALA A 14 7.27 0.84 3.31
C ALA A 14 6.85 1.96 2.36
N ASP A 15 6.54 1.60 1.13
CA ASP A 15 6.13 2.57 0.13
C ASP A 15 4.77 3.18 0.48
N CYS A 16 3.96 2.42 1.20
CA CYS A 16 2.64 2.88 1.62
C CYS A 16 2.58 3.06 3.13
N CYS A 17 1.47 3.63 3.60
CA CYS A 17 1.29 3.86 5.03
C CYS A 17 0.56 2.69 5.68
N LYS A 18 0.48 2.72 7.01
CA LYS A 18 -0.20 1.67 7.75
C LYS A 18 -1.59 1.40 7.20
N HIS A 19 -2.32 2.47 6.87
CA HIS A 19 -3.66 2.34 6.33
C HIS A 19 -3.67 1.42 5.11
N LEU A 20 -2.57 1.42 4.37
CA LEU A 20 -2.44 0.59 3.18
C LEU A 20 -1.52 -0.59 3.43
N GLY A 21 -1.51 -1.54 2.50
CA GLY A 21 -0.67 -2.71 2.64
C GLY A 21 -0.10 -3.19 1.32
N CYS A 22 1.04 -2.62 0.92
CA CYS A 22 1.68 -2.99 -0.34
C CYS A 22 1.83 -4.50 -0.45
N ARG A 23 1.17 -5.09 -1.45
CA ARG A 23 1.22 -6.52 -1.66
C ARG A 23 2.36 -6.88 -2.61
N THR A 24 3.00 -8.02 -2.36
CA THR A 24 4.10 -8.48 -3.19
C THR A 24 3.60 -9.20 -4.43
N ASP A 25 2.34 -9.61 -4.41
CA ASP A 25 1.73 -10.31 -5.54
C ASP A 25 1.05 -9.33 -6.47
N LEU A 26 0.37 -8.33 -5.89
CA LEU A 26 -0.33 -7.33 -6.67
C LEU A 26 0.55 -6.11 -6.91
N TYR A 27 1.42 -5.81 -5.96
CA TYR A 27 2.33 -4.68 -6.07
C TYR A 27 1.55 -3.37 -6.11
N TYR A 28 0.71 -3.14 -5.10
CA TYR A 28 -0.08 -1.93 -5.03
C TYR A 28 -0.59 -1.69 -3.61
N CYS A 29 -0.73 -0.42 -3.24
CA CYS A 29 -1.20 -0.06 -1.91
C CYS A 29 -2.66 -0.46 -1.72
N ALA A 30 -2.90 -1.38 -0.79
CA ALA A 30 -4.25 -1.85 -0.51
C ALA A 30 -4.83 -1.13 0.70
N TRP A 31 -5.69 -0.15 0.44
CA TRP A 31 -6.32 0.61 1.50
C TRP A 31 -7.26 -0.27 2.33
N ASP A 32 -6.87 -0.52 3.58
CA ASP A 32 -7.68 -1.36 4.47
C ASP A 32 -7.48 -0.93 5.92
N GLY A 33 -6.22 -0.93 6.37
CA GLY A 33 -5.92 -0.54 7.73
C GLY A 33 -5.87 -1.74 8.68
N THR A 34 -6.54 -2.82 8.29
CA THR A 34 -6.56 -4.03 9.10
C THR A 34 -5.92 -5.20 8.37
N PHE A 35 -5.27 -6.07 9.13
CA PHE A 35 -4.61 -7.24 8.54
C PHE A 35 -4.55 -8.39 9.55
N SER A 1 -1.72 11.62 5.19
CA SER A 1 -1.78 11.41 3.74
C SER A 1 -0.39 11.47 3.13
N GLU A 2 0.52 10.66 3.66
CA GLU A 2 1.89 10.62 3.16
C GLU A 2 2.17 9.31 2.43
N CYS A 3 1.11 8.66 1.98
CA CYS A 3 1.24 7.39 1.26
C CYS A 3 0.53 7.45 -0.09
N ARG A 4 0.79 6.47 -0.93
CA ARG A 4 0.19 6.41 -2.26
C ARG A 4 -1.21 5.78 -2.20
N TYR A 5 -2.18 6.44 -2.83
CA TYR A 5 -3.55 5.95 -2.83
C TYR A 5 -3.63 4.60 -3.53
N LEU A 6 -4.80 3.97 -3.43
CA LEU A 6 -5.02 2.66 -4.05
C LEU A 6 -4.44 2.63 -5.47
N PHE A 7 -3.76 1.54 -5.78
CA PHE A 7 -3.15 1.38 -7.10
C PHE A 7 -2.14 2.47 -7.38
N GLY A 8 -1.31 2.77 -6.38
CA GLY A 8 -0.29 3.80 -6.53
C GLY A 8 0.97 3.28 -7.17
N GLY A 9 0.99 1.99 -7.49
CA GLY A 9 2.16 1.40 -8.11
C GLY A 9 3.33 1.30 -7.15
N CYS A 10 3.09 0.74 -5.98
CA CYS A 10 4.13 0.58 -4.97
C CYS A 10 4.93 -0.70 -5.21
N LYS A 11 5.92 -0.93 -4.36
CA LYS A 11 6.77 -2.12 -4.48
C LYS A 11 6.88 -2.84 -3.13
N THR A 12 6.93 -2.06 -2.05
CA THR A 12 7.03 -2.62 -0.72
C THR A 12 6.07 -1.94 0.25
N THR A 13 5.84 -2.57 1.39
CA THR A 13 4.93 -2.02 2.40
C THR A 13 5.38 -0.64 2.86
N ALA A 14 6.70 -0.44 2.90
CA ALA A 14 7.26 0.84 3.32
C ALA A 14 6.85 1.96 2.38
N ASP A 15 6.54 1.60 1.13
CA ASP A 15 6.13 2.57 0.13
C ASP A 15 4.78 3.18 0.49
N CYS A 16 3.96 2.42 1.20
CA CYS A 16 2.64 2.89 1.61
C CYS A 16 2.58 3.07 3.12
N CYS A 17 1.47 3.64 3.59
CA CYS A 17 1.28 3.88 5.02
C CYS A 17 0.56 2.70 5.68
N LYS A 18 0.46 2.74 7.00
CA LYS A 18 -0.20 1.69 7.75
C LYS A 18 -1.60 1.41 7.19
N HIS A 19 -2.32 2.47 6.87
CA HIS A 19 -3.66 2.35 6.32
C HIS A 19 -3.68 1.44 5.10
N LEU A 20 -2.57 1.44 4.36
CA LEU A 20 -2.44 0.60 3.17
C LEU A 20 -1.53 -0.59 3.43
N GLY A 21 -1.51 -1.53 2.49
CA GLY A 21 -0.67 -2.70 2.63
C GLY A 21 -0.11 -3.18 1.32
N CYS A 22 1.03 -2.61 0.92
CA CYS A 22 1.67 -2.98 -0.33
C CYS A 22 1.81 -4.50 -0.45
N ARG A 23 1.16 -5.08 -1.45
CA ARG A 23 1.22 -6.52 -1.66
C ARG A 23 2.36 -6.88 -2.61
N THR A 24 3.00 -8.02 -2.36
CA THR A 24 4.10 -8.49 -3.18
C THR A 24 3.59 -9.20 -4.43
N ASP A 25 2.32 -9.61 -4.39
CA ASP A 25 1.71 -10.31 -5.52
C ASP A 25 1.03 -9.33 -6.46
N LEU A 26 0.37 -8.33 -5.88
CA LEU A 26 -0.35 -7.32 -6.67
C LEU A 26 0.55 -6.10 -6.91
N TYR A 27 1.42 -5.81 -5.96
CA TYR A 27 2.32 -4.67 -6.07
C TYR A 27 1.54 -3.36 -6.12
N TYR A 28 0.71 -3.14 -5.10
CA TYR A 28 -0.08 -1.93 -5.03
C TYR A 28 -0.59 -1.69 -3.61
N CYS A 29 -0.73 -0.42 -3.24
CA CYS A 29 -1.20 -0.06 -1.91
C CYS A 29 -2.66 -0.46 -1.72
N ALA A 30 -2.90 -1.38 -0.79
CA ALA A 30 -4.24 -1.86 -0.51
C ALA A 30 -4.83 -1.13 0.70
N TRP A 31 -5.69 -0.16 0.44
CA TRP A 31 -6.32 0.61 1.50
C TRP A 31 -7.26 -0.27 2.33
N ASP A 32 -6.87 -0.52 3.58
CA ASP A 32 -7.66 -1.35 4.48
C ASP A 32 -7.45 -0.94 5.93
N GLY A 33 -6.20 -0.94 6.36
CA GLY A 33 -5.89 -0.56 7.73
C GLY A 33 -5.83 -1.75 8.66
N THR A 34 -6.51 -2.84 8.27
CA THR A 34 -6.53 -4.05 9.09
C THR A 34 -5.85 -5.20 8.37
N PHE A 35 -4.82 -5.76 8.99
CA PHE A 35 -4.09 -6.88 8.41
C PHE A 35 -3.74 -7.92 9.48
N SER A 1 0.51 11.44 6.66
CA SER A 1 0.61 10.25 5.82
C SER A 1 0.41 10.60 4.34
N GLU A 2 1.51 10.66 3.61
CA GLU A 2 1.45 10.98 2.18
C GLU A 2 1.57 9.73 1.33
N CYS A 3 1.26 8.58 1.93
CA CYS A 3 1.33 7.31 1.23
C CYS A 3 0.59 7.38 -0.10
N ARG A 4 0.89 6.45 -1.00
CA ARG A 4 0.26 6.39 -2.31
C ARG A 4 -1.14 5.78 -2.21
N TYR A 5 -2.11 6.45 -2.82
CA TYR A 5 -3.49 5.97 -2.80
C TYR A 5 -3.61 4.62 -3.50
N LEU A 6 -4.78 4.00 -3.38
CA LEU A 6 -5.03 2.70 -4.00
C LEU A 6 -4.45 2.66 -5.42
N PHE A 7 -3.78 1.56 -5.75
CA PHE A 7 -3.18 1.39 -7.06
C PHE A 7 -2.16 2.48 -7.33
N GLY A 8 -1.30 2.75 -6.35
CA GLY A 8 -0.29 3.78 -6.51
C GLY A 8 0.99 3.24 -7.13
N GLY A 9 0.96 1.97 -7.53
CA GLY A 9 2.13 1.36 -8.13
C GLY A 9 3.29 1.26 -7.17
N CYS A 10 3.03 0.70 -5.99
CA CYS A 10 4.07 0.54 -4.97
C CYS A 10 4.87 -0.73 -5.21
N LYS A 11 5.89 -0.94 -4.39
CA LYS A 11 6.74 -2.12 -4.50
C LYS A 11 6.87 -2.84 -3.16
N THR A 12 6.94 -2.05 -2.08
CA THR A 12 7.06 -2.60 -0.75
C THR A 12 6.11 -1.91 0.23
N THR A 13 5.88 -2.54 1.38
CA THR A 13 4.99 -1.99 2.38
C THR A 13 5.45 -0.60 2.82
N ALA A 14 6.76 -0.39 2.84
CA ALA A 14 7.31 0.89 3.23
C ALA A 14 6.87 2.00 2.29
N ASP A 15 6.56 1.63 1.05
CA ASP A 15 6.12 2.58 0.05
C ASP A 15 4.76 3.18 0.42
N CYS A 16 3.96 2.40 1.14
CA CYS A 16 2.64 2.85 1.57
C CYS A 16 2.59 3.04 3.08
N CYS A 17 1.47 3.58 3.57
CA CYS A 17 1.30 3.83 5.00
C CYS A 17 0.57 2.66 5.65
N LYS A 18 0.49 2.70 6.98
CA LYS A 18 -0.17 1.65 7.74
C LYS A 18 -1.58 1.39 7.19
N HIS A 19 -2.29 2.46 6.87
CA HIS A 19 -3.64 2.35 6.33
C HIS A 19 -3.67 1.41 5.12
N LEU A 20 -2.57 1.39 4.37
CA LEU A 20 -2.47 0.55 3.19
C LEU A 20 -1.53 -0.63 3.44
N GLY A 21 -1.53 -1.59 2.51
CA GLY A 21 -0.68 -2.76 2.66
C GLY A 21 -0.11 -3.21 1.33
N CYS A 22 1.03 -2.63 0.94
CA CYS A 22 1.68 -2.98 -0.31
C CYS A 22 1.82 -4.50 -0.44
N ARG A 23 1.17 -5.06 -1.45
CA ARG A 23 1.22 -6.50 -1.69
C ARG A 23 2.39 -6.86 -2.60
N THR A 24 3.00 -8.01 -2.34
CA THR A 24 4.14 -8.47 -3.13
C THR A 24 3.68 -9.17 -4.41
N ASP A 25 2.43 -9.62 -4.41
CA ASP A 25 1.86 -10.30 -5.57
C ASP A 25 1.13 -9.31 -6.48
N LEU A 26 0.48 -8.32 -5.86
CA LEU A 26 -0.26 -7.31 -6.61
C LEU A 26 0.60 -6.08 -6.86
N TYR A 27 1.47 -5.76 -5.90
CA TYR A 27 2.35 -4.61 -6.01
C TYR A 27 1.55 -3.31 -6.07
N TYR A 28 0.70 -3.10 -5.08
CA TYR A 28 -0.13 -1.90 -5.01
C TYR A 28 -0.64 -1.66 -3.59
N CYS A 29 -0.77 -0.39 -3.22
CA CYS A 29 -1.25 -0.03 -1.90
C CYS A 29 -2.71 -0.43 -1.72
N ALA A 30 -2.96 -1.35 -0.80
CA ALA A 30 -4.31 -1.81 -0.53
C ALA A 30 -4.91 -1.12 0.70
N TRP A 31 -5.75 -0.13 0.45
CA TRP A 31 -6.38 0.62 1.53
C TRP A 31 -7.30 -0.28 2.35
N ASP A 32 -6.90 -0.53 3.59
CA ASP A 32 -7.69 -1.38 4.48
C ASP A 32 -7.50 -0.95 5.93
N GLY A 33 -6.25 -0.93 6.39
CA GLY A 33 -5.95 -0.54 7.75
C GLY A 33 -5.90 -1.73 8.69
N THR A 34 -6.55 -2.82 8.31
CA THR A 34 -6.57 -4.03 9.12
C THR A 34 -6.11 -5.24 8.33
N PHE A 35 -5.22 -6.03 8.91
CA PHE A 35 -4.70 -7.22 8.25
C PHE A 35 -4.61 -8.39 9.22
N SER A 1 -1.81 12.09 5.09
CA SER A 1 -1.78 11.36 3.82
C SER A 1 -0.38 11.42 3.20
N GLU A 2 0.53 10.61 3.73
CA GLU A 2 1.91 10.58 3.23
C GLU A 2 2.17 9.27 2.49
N CYS A 3 1.11 8.63 2.03
CA CYS A 3 1.23 7.36 1.30
C CYS A 3 0.53 7.44 -0.05
N ARG A 4 0.76 6.44 -0.89
CA ARG A 4 0.15 6.40 -2.21
C ARG A 4 -1.24 5.78 -2.15
N TYR A 5 -2.20 6.43 -2.80
CA TYR A 5 -3.58 5.95 -2.81
C TYR A 5 -3.67 4.59 -3.50
N LEU A 6 -4.84 3.97 -3.41
CA LEU A 6 -5.06 2.66 -4.03
C LEU A 6 -4.48 2.62 -5.44
N PHE A 7 -3.80 1.52 -5.75
CA PHE A 7 -3.19 1.36 -7.07
C PHE A 7 -2.18 2.46 -7.35
N GLY A 8 -1.34 2.75 -6.36
CA GLY A 8 -0.33 3.79 -6.51
C GLY A 8 0.94 3.27 -7.16
N GLY A 9 0.96 1.98 -7.47
CA GLY A 9 2.13 1.39 -8.10
C GLY A 9 3.31 1.29 -7.16
N CYS A 10 3.07 0.73 -5.97
CA CYS A 10 4.12 0.57 -4.97
C CYS A 10 4.92 -0.71 -5.21
N LYS A 11 5.92 -0.94 -4.37
CA LYS A 11 6.75 -2.13 -4.49
C LYS A 11 6.87 -2.85 -3.15
N THR A 12 6.93 -2.07 -2.07
CA THR A 12 7.05 -2.64 -0.74
C THR A 12 6.08 -1.96 0.23
N THR A 13 5.86 -2.60 1.38
CA THR A 13 4.95 -2.05 2.39
C THR A 13 5.41 -0.68 2.85
N ALA A 14 6.72 -0.47 2.88
CA ALA A 14 7.29 0.81 3.30
C ALA A 14 6.87 1.94 2.36
N ASP A 15 6.55 1.57 1.12
CA ASP A 15 6.13 2.55 0.11
C ASP A 15 4.78 3.15 0.49
N CYS A 16 3.97 2.39 1.21
CA CYS A 16 2.65 2.87 1.62
C CYS A 16 2.60 3.04 3.14
N CYS A 17 1.49 3.61 3.62
CA CYS A 17 1.32 3.84 5.05
C CYS A 17 0.59 2.66 5.71
N LYS A 18 0.51 2.69 7.04
CA LYS A 18 -0.15 1.64 7.78
C LYS A 18 -1.55 1.36 7.22
N HIS A 19 -2.28 2.42 6.92
CA HIS A 19 -3.62 2.30 6.38
C HIS A 19 -3.64 1.38 5.15
N LEU A 20 -2.54 1.40 4.40
CA LEU A 20 -2.42 0.57 3.20
C LEU A 20 -1.50 -0.62 3.45
N GLY A 21 -1.49 -1.56 2.51
CA GLY A 21 -0.64 -2.73 2.65
C GLY A 21 -0.08 -3.20 1.32
N CYS A 22 1.05 -2.63 0.93
CA CYS A 22 1.69 -2.99 -0.34
C CYS A 22 1.82 -4.51 -0.46
N ARG A 23 1.16 -5.08 -1.46
CA ARG A 23 1.21 -6.51 -1.69
C ARG A 23 2.38 -6.89 -2.61
N THR A 24 2.99 -8.03 -2.35
CA THR A 24 4.11 -8.49 -3.15
C THR A 24 3.63 -9.20 -4.41
N ASP A 25 2.37 -9.61 -4.41
CA ASP A 25 1.79 -10.30 -5.56
C ASP A 25 1.09 -9.30 -6.49
N LEU A 26 0.41 -8.33 -5.90
CA LEU A 26 -0.31 -7.32 -6.67
C LEU A 26 0.58 -6.10 -6.91
N TYR A 27 1.44 -5.80 -5.95
CA TYR A 27 2.34 -4.66 -6.05
C TYR A 27 1.56 -3.36 -6.10
N TYR A 28 0.72 -3.14 -5.09
CA TYR A 28 -0.09 -1.92 -5.01
C TYR A 28 -0.59 -1.69 -3.58
N CYS A 29 -0.75 -0.42 -3.23
CA CYS A 29 -1.21 -0.06 -1.89
C CYS A 29 -2.68 -0.45 -1.71
N ALA A 30 -2.93 -1.38 -0.79
CA ALA A 30 -4.29 -1.83 -0.51
C ALA A 30 -4.88 -1.12 0.69
N TRP A 31 -5.74 -0.15 0.45
CA TRP A 31 -6.37 0.61 1.52
C TRP A 31 -7.34 -0.25 2.30
N ASP A 32 -6.95 -0.62 3.52
CA ASP A 32 -7.78 -1.45 4.38
C ASP A 32 -7.69 -1.00 5.84
N GLY A 33 -6.47 -0.79 6.30
CA GLY A 33 -6.27 -0.36 7.68
C GLY A 33 -5.94 -1.51 8.61
N THR A 34 -6.34 -2.71 8.21
CA THR A 34 -6.10 -3.90 9.01
C THR A 34 -5.56 -5.05 8.17
N PHE A 35 -4.86 -5.98 8.81
CA PHE A 35 -4.30 -7.13 8.10
C PHE A 35 -4.68 -8.44 8.79
N SER A 1 -0.94 12.55 5.17
CA SER A 1 -0.98 11.49 4.17
C SER A 1 0.34 11.41 3.41
N GLU A 2 1.28 10.62 3.93
CA GLU A 2 2.58 10.47 3.30
C GLU A 2 2.67 9.16 2.54
N CYS A 3 1.51 8.61 2.18
CA CYS A 3 1.44 7.35 1.44
C CYS A 3 0.63 7.51 0.17
N ARG A 4 0.78 6.55 -0.74
CA ARG A 4 0.05 6.59 -2.01
C ARG A 4 -1.38 6.11 -1.84
N TYR A 5 -2.14 6.14 -2.92
CA TYR A 5 -3.53 5.70 -2.89
C TYR A 5 -3.71 4.37 -3.61
N LEU A 6 -4.90 3.80 -3.48
CA LEU A 6 -5.20 2.51 -4.12
C LEU A 6 -4.61 2.46 -5.52
N PHE A 7 -3.89 1.38 -5.82
CA PHE A 7 -3.27 1.20 -7.13
C PHE A 7 -2.27 2.32 -7.41
N GLY A 8 -1.44 2.63 -6.42
CA GLY A 8 -0.45 3.68 -6.59
C GLY A 8 0.77 3.20 -7.36
N GLY A 9 0.97 1.90 -7.40
CA GLY A 9 2.11 1.33 -8.10
C GLY A 9 3.35 1.24 -7.23
N CYS A 10 3.19 0.68 -6.04
CA CYS A 10 4.30 0.54 -5.11
C CYS A 10 5.03 -0.78 -5.32
N LYS A 11 6.07 -1.02 -4.53
CA LYS A 11 6.84 -2.24 -4.63
C LYS A 11 6.91 -2.96 -3.29
N THR A 12 6.92 -2.19 -2.21
CA THR A 12 6.98 -2.75 -0.86
C THR A 12 6.00 -2.04 0.07
N THR A 13 5.76 -2.64 1.24
CA THR A 13 4.84 -2.06 2.21
C THR A 13 5.34 -0.71 2.71
N ALA A 14 6.65 -0.55 2.78
CA ALA A 14 7.25 0.69 3.23
C ALA A 14 6.84 1.85 2.33
N ASP A 15 6.49 1.54 1.09
CA ASP A 15 6.08 2.56 0.13
C ASP A 15 4.76 3.19 0.55
N CYS A 16 3.94 2.42 1.25
CA CYS A 16 2.64 2.91 1.71
C CYS A 16 2.61 3.02 3.23
N CYS A 17 1.53 3.58 3.75
CA CYS A 17 1.37 3.76 5.19
C CYS A 17 0.59 2.60 5.81
N LYS A 18 0.48 2.59 7.12
CA LYS A 18 -0.25 1.54 7.83
C LYS A 18 -1.63 1.34 7.24
N HIS A 19 -2.30 2.44 6.93
CA HIS A 19 -3.63 2.40 6.35
C HIS A 19 -3.66 1.50 5.11
N LEU A 20 -2.55 1.46 4.39
CA LEU A 20 -2.45 0.64 3.18
C LEU A 20 -1.52 -0.54 3.41
N GLY A 21 -1.52 -1.48 2.47
CA GLY A 21 -0.67 -2.65 2.59
C GLY A 21 -0.17 -3.14 1.25
N CYS A 22 0.96 -2.58 0.80
CA CYS A 22 1.55 -2.96 -0.48
C CYS A 22 1.67 -4.47 -0.59
N ARG A 23 0.97 -5.04 -1.56
CA ARG A 23 0.99 -6.48 -1.79
C ARG A 23 2.27 -6.89 -2.52
N THR A 24 2.75 -8.10 -2.23
CA THR A 24 3.96 -8.62 -2.86
C THR A 24 3.65 -9.22 -4.23
N ASP A 25 2.41 -9.65 -4.42
CA ASP A 25 1.98 -10.25 -5.68
C ASP A 25 1.34 -9.20 -6.58
N LEU A 26 0.58 -8.29 -5.98
CA LEU A 26 -0.10 -7.24 -6.73
C LEU A 26 0.80 -6.01 -6.87
N TYR A 27 1.59 -5.74 -5.84
CA TYR A 27 2.49 -4.60 -5.85
C TYR A 27 1.72 -3.29 -5.93
N TYR A 28 0.80 -3.09 -4.99
CA TYR A 28 -0.01 -1.89 -4.95
C TYR A 28 -0.54 -1.63 -3.55
N CYS A 29 -0.70 -0.36 -3.20
CA CYS A 29 -1.19 0.03 -1.89
C CYS A 29 -2.66 -0.37 -1.72
N ALA A 30 -2.91 -1.28 -0.79
CA ALA A 30 -4.26 -1.75 -0.52
C ALA A 30 -4.86 -1.05 0.69
N TRP A 31 -5.72 -0.08 0.44
CA TRP A 31 -6.37 0.67 1.51
C TRP A 31 -7.29 -0.22 2.32
N ASP A 32 -6.91 -0.48 3.57
CA ASP A 32 -7.71 -1.33 4.45
C ASP A 32 -7.55 -0.91 5.91
N GLY A 33 -6.29 -0.78 6.34
CA GLY A 33 -6.03 -0.37 7.71
C GLY A 33 -5.83 -1.56 8.63
N THR A 34 -6.37 -2.71 8.24
CA THR A 34 -6.25 -3.91 9.05
C THR A 34 -5.73 -5.08 8.22
N PHE A 35 -4.81 -5.84 8.79
CA PHE A 35 -4.22 -6.99 8.09
C PHE A 35 -4.65 -8.29 8.76
N SER A 1 -1.55 11.58 5.25
CA SER A 1 -1.64 11.42 3.79
C SER A 1 -0.25 11.44 3.16
N GLU A 2 0.65 10.62 3.70
CA GLU A 2 2.02 10.55 3.19
C GLU A 2 2.26 9.24 2.46
N CYS A 3 1.17 8.62 2.01
CA CYS A 3 1.26 7.35 1.28
C CYS A 3 0.53 7.45 -0.06
N ARG A 4 0.76 6.46 -0.92
CA ARG A 4 0.13 6.42 -2.24
C ARG A 4 -1.27 5.83 -2.15
N TYR A 5 -2.20 6.43 -2.86
CA TYR A 5 -3.59 5.96 -2.86
C TYR A 5 -3.70 4.61 -3.54
N LEU A 6 -4.88 4.00 -3.44
CA LEU A 6 -5.12 2.69 -4.05
C LEU A 6 -4.53 2.64 -5.46
N PHE A 7 -3.82 1.55 -5.75
CA PHE A 7 -3.19 1.38 -7.06
C PHE A 7 -2.20 2.50 -7.35
N GLY A 8 -1.30 2.73 -6.39
CA GLY A 8 -0.31 3.78 -6.57
C GLY A 8 0.97 3.27 -7.21
N GLY A 9 1.01 1.97 -7.48
CA GLY A 9 2.18 1.38 -8.10
C GLY A 9 3.35 1.27 -7.15
N CYS A 10 3.10 0.72 -5.98
CA CYS A 10 4.14 0.56 -4.97
C CYS A 10 4.94 -0.72 -5.20
N LYS A 11 5.95 -0.95 -4.37
CA LYS A 11 6.79 -2.13 -4.48
C LYS A 11 6.90 -2.85 -3.14
N THR A 12 6.94 -2.08 -2.06
CA THR A 12 7.04 -2.62 -0.72
C THR A 12 6.08 -1.94 0.24
N THR A 13 5.85 -2.56 1.40
CA THR A 13 4.95 -2.01 2.39
C THR A 13 5.41 -0.63 2.85
N ALA A 14 6.73 -0.43 2.88
CA ALA A 14 7.30 0.85 3.30
C ALA A 14 6.87 1.96 2.35
N ASP A 15 6.56 1.60 1.12
CA ASP A 15 6.13 2.58 0.12
C ASP A 15 4.77 3.18 0.48
N CYS A 16 3.97 2.42 1.20
CA CYS A 16 2.65 2.87 1.62
C CYS A 16 2.59 3.06 3.14
N CYS A 17 1.48 3.61 3.62
CA CYS A 17 1.31 3.85 5.05
C CYS A 17 0.58 2.67 5.70
N LYS A 18 0.49 2.70 7.02
CA LYS A 18 -0.18 1.65 7.77
C LYS A 18 -1.58 1.38 7.20
N HIS A 19 -2.29 2.45 6.89
CA HIS A 19 -3.64 2.34 6.34
C HIS A 19 -3.65 1.41 5.12
N LEU A 20 -2.55 1.41 4.38
CA LEU A 20 -2.42 0.57 3.19
C LEU A 20 -1.50 -0.61 3.45
N GLY A 21 -1.49 -1.56 2.51
CA GLY A 21 -0.64 -2.74 2.66
C GLY A 21 -0.08 -3.21 1.33
N CYS A 22 1.05 -2.63 0.93
CA CYS A 22 1.69 -3.01 -0.33
C CYS A 22 1.83 -4.52 -0.44
N ARG A 23 1.17 -5.10 -1.44
CA ARG A 23 1.23 -6.54 -1.65
C ARG A 23 2.37 -6.90 -2.60
N THR A 24 3.00 -8.04 -2.34
CA THR A 24 4.11 -8.50 -3.18
C THR A 24 3.60 -9.21 -4.42
N ASP A 25 2.34 -9.62 -4.40
CA ASP A 25 1.74 -10.32 -5.53
C ASP A 25 1.05 -9.32 -6.47
N LEU A 26 0.38 -8.33 -5.88
CA LEU A 26 -0.32 -7.33 -6.67
C LEU A 26 0.57 -6.10 -6.91
N TYR A 27 1.44 -5.82 -5.94
CA TYR A 27 2.35 -4.68 -6.05
C TYR A 27 1.57 -3.36 -6.10
N TYR A 28 0.73 -3.14 -5.10
CA TYR A 28 -0.08 -1.92 -5.03
C TYR A 28 -0.58 -1.67 -3.62
N CYS A 29 -0.72 -0.41 -3.25
CA CYS A 29 -1.19 -0.04 -1.92
C CYS A 29 -2.66 -0.43 -1.74
N ALA A 30 -2.91 -1.35 -0.82
CA ALA A 30 -4.26 -1.81 -0.54
C ALA A 30 -4.85 -1.10 0.67
N TRP A 31 -5.70 -0.11 0.42
CA TRP A 31 -6.33 0.64 1.50
C TRP A 31 -7.26 -0.24 2.31
N ASP A 32 -6.87 -0.52 3.55
CA ASP A 32 -7.68 -1.35 4.44
C ASP A 32 -7.50 -0.92 5.90
N GLY A 33 -6.25 -0.90 6.36
CA GLY A 33 -5.98 -0.51 7.72
C GLY A 33 -5.88 -1.70 8.66
N THR A 34 -6.48 -2.82 8.27
CA THR A 34 -6.46 -4.02 9.08
C THR A 34 -5.93 -5.21 8.29
N PHE A 35 -5.14 -6.05 8.95
CA PHE A 35 -4.56 -7.22 8.30
C PHE A 35 -4.42 -8.37 9.29
N SER A 1 0.68 11.66 6.64
CA SER A 1 0.53 10.45 5.83
C SER A 1 0.34 10.81 4.35
N GLU A 2 1.42 10.75 3.59
CA GLU A 2 1.36 11.07 2.17
C GLU A 2 1.51 9.80 1.32
N CYS A 3 1.21 8.66 1.92
CA CYS A 3 1.31 7.38 1.23
C CYS A 3 0.57 7.42 -0.11
N ARG A 4 0.90 6.48 -0.99
CA ARG A 4 0.27 6.42 -2.30
C ARG A 4 -1.12 5.81 -2.21
N TYR A 5 -2.10 6.47 -2.82
CA TYR A 5 -3.47 6.00 -2.81
C TYR A 5 -3.59 4.64 -3.49
N LEU A 6 -4.76 4.02 -3.38
CA LEU A 6 -5.01 2.72 -4.00
C LEU A 6 -4.44 2.66 -5.40
N PHE A 7 -3.76 1.57 -5.73
CA PHE A 7 -3.16 1.40 -7.05
C PHE A 7 -2.14 2.50 -7.34
N GLY A 8 -1.29 2.78 -6.35
CA GLY A 8 -0.27 3.80 -6.52
C GLY A 8 0.99 3.27 -7.16
N GLY A 9 0.98 1.99 -7.51
CA GLY A 9 2.15 1.39 -8.13
C GLY A 9 3.32 1.28 -7.17
N CYS A 10 3.07 0.73 -5.99
CA CYS A 10 4.11 0.57 -4.98
C CYS A 10 4.90 -0.70 -5.21
N LYS A 11 5.92 -0.92 -4.38
CA LYS A 11 6.76 -2.11 -4.49
C LYS A 11 6.87 -2.83 -3.15
N THR A 12 6.91 -2.06 -2.07
CA THR A 12 7.00 -2.62 -0.73
C THR A 12 6.04 -1.93 0.22
N THR A 13 5.81 -2.56 1.38
CA THR A 13 4.91 -2.01 2.38
C THR A 13 5.37 -0.63 2.84
N ALA A 14 6.69 -0.44 2.89
CA ALA A 14 7.26 0.84 3.30
C ALA A 14 6.85 1.96 2.35
N ASP A 15 6.55 1.61 1.11
CA ASP A 15 6.13 2.58 0.10
C ASP A 15 4.78 3.18 0.46
N CYS A 16 3.97 2.43 1.18
CA CYS A 16 2.65 2.89 1.59
C CYS A 16 2.59 3.09 3.10
N CYS A 17 1.47 3.64 3.57
CA CYS A 17 1.28 3.89 5.00
C CYS A 17 0.56 2.71 5.66
N LYS A 18 0.48 2.76 6.98
CA LYS A 18 -0.19 1.69 7.74
C LYS A 18 -1.58 1.42 7.17
N HIS A 19 -2.31 2.48 6.87
CA HIS A 19 -3.66 2.36 6.33
C HIS A 19 -3.67 1.45 5.10
N LEU A 20 -2.57 1.46 4.36
CA LEU A 20 -2.45 0.64 3.16
C LEU A 20 -1.55 -0.57 3.41
N GLY A 21 -1.55 -1.50 2.47
CA GLY A 21 -0.73 -2.70 2.61
C GLY A 21 -0.16 -3.17 1.29
N CYS A 22 0.99 -2.62 0.90
CA CYS A 22 1.64 -2.98 -0.35
C CYS A 22 1.78 -4.49 -0.46
N ARG A 23 1.12 -5.07 -1.47
CA ARG A 23 1.17 -6.51 -1.69
C ARG A 23 2.34 -6.88 -2.60
N THR A 24 2.96 -8.02 -2.33
CA THR A 24 4.09 -8.48 -3.12
C THR A 24 3.62 -9.20 -4.39
N ASP A 25 2.35 -9.60 -4.40
CA ASP A 25 1.77 -10.29 -5.54
C ASP A 25 1.09 -9.31 -6.48
N LEU A 26 0.38 -8.34 -5.91
CA LEU A 26 -0.32 -7.33 -6.69
C LEU A 26 0.56 -6.11 -6.92
N TYR A 27 1.42 -5.81 -5.96
CA TYR A 27 2.32 -4.67 -6.07
C TYR A 27 1.54 -3.36 -6.11
N TYR A 28 0.70 -3.15 -5.10
CA TYR A 28 -0.11 -1.94 -5.03
C TYR A 28 -0.62 -1.70 -3.60
N CYS A 29 -0.73 -0.44 -3.23
CA CYS A 29 -1.20 -0.08 -1.90
C CYS A 29 -2.64 -0.50 -1.70
N ALA A 30 -2.86 -1.42 -0.76
CA ALA A 30 -4.20 -1.91 -0.46
C ALA A 30 -4.80 -1.17 0.73
N TRP A 31 -5.68 -0.21 0.45
CA TRP A 31 -6.32 0.56 1.49
C TRP A 31 -7.27 -0.31 2.31
N ASP A 32 -6.90 -0.59 3.56
CA ASP A 32 -7.72 -1.41 4.44
C ASP A 32 -7.54 -0.99 5.89
N GLY A 33 -6.30 -0.99 6.35
CA GLY A 33 -6.02 -0.61 7.73
C GLY A 33 -5.99 -1.80 8.66
N THR A 34 -6.66 -2.88 8.27
CA THR A 34 -6.72 -4.08 9.08
C THR A 34 -5.70 -5.12 8.61
N PHE A 35 -4.79 -5.50 9.50
CA PHE A 35 -3.77 -6.48 9.16
C PHE A 35 -3.58 -7.48 10.30
#